data_8T79
#
_entry.id   8T79
#
_cell.length_a   1.00
_cell.length_b   1.00
_cell.length_c   1.00
_cell.angle_alpha   90.00
_cell.angle_beta   90.00
_cell.angle_gamma   90.00
#
_symmetry.space_group_name_H-M   'P 1'
#
loop_
_entity.id
_entity.type
_entity.pdbx_description
1 polymer 'CRISPR-associated endonuclease Cas9/Csn1'
2 polymer gRNA
3 polymer TS
4 polymer NTS
#
loop_
_entity_poly.entity_id
_entity_poly.type
_entity_poly.pdbx_seq_one_letter_code
_entity_poly.pdbx_strand_id
1 'polypeptide(L)'
;KKYSIGLDIGTNSVGWAVITDEYKVPSKKFKVLGNTDRHSIKKNLIGALLFDSGETAERTRLKRTARRRYTRRKNRICYL
QEIFSNEMAKVDDSFFHRLEESFLVEEDKKHERHPIFGNIVDEVAYHEKYPTIYHLRKKLVDSTDKADLRLIYLALAHMI
KFRGHFLIEGDLNPDNSDVDKLFIQLVQTYNQLFEENPINASGVDAKAILSARLSKSRRLENLIAQLPGEKKNGLFGNLI
ALSLGLTPNFKSNFDLAEDAKLQLSKDTYDDDLDNLLAQIGDQYADLFLAAKNLSDAILLSDILRVNTEITKAPLSASMI
KRYDEHHQDLTLLKALVRQQLPEKYKEIFFDQSKNGYAGYIDGGASQEEFYKFIKPILEKMDGTEELLVKLNREDLLRKQ
RTFDNGSIPHQIHLGELHAILRRQEDFYPFLKDNREKIEKILTFRIPYYVGPLARGNSRFAWMTRKSEETITPWNFEEVV
DKGASAQSFIERMTNFDKNLPNEKVLPKHSLLYEYFTVYNELTKVKYVTEGMRKPAFLSGEQKKAIVDLLFKTNRKVTVK
QLKEDYFKKIECFDSVEISGVEDRFNASLGTYHDLLKIIKDKDFLDNEENEDILEDIVLTLTLFEDREMIEERLKTYAHL
FDDKVMKQLKRRRYTGWGRLSRKLINGIRDKQSGKTILDFLKSDGFANRNFMQLIHDDSLTFKEDIQKAQVSGQGDSLHE
HIANLAGSPAIKKGILQTVKVVDELVKVMGRHKPENIVIEMARENQTTQKGQKNSRERMKRIEEGIKELGSQILKEHPVE
NTQLQNEKLYLYYLQNGRDMYVDQELDINRLSDYDVDHIVPQSFLKDDSIDNKVLTRSDKNRGKSDNVPSEEVVKKMKNY
WRQLLNAKLITQRKFDNLTKAERGGLSELDKAGFIKRQLVETRQITKHVAQILDSRMNTKYDENDKLIREVKVITLKSKL
VSDFRKDFQFYKVREINNYHHAHDAYLNAVVGTALIKKYPKLESEFVYGDYKVYDVRKMIAKSEQEIGKATAKYFFYSNI
MNFFKTEITLANGEIRKRPLIETNGETGEIVWDKGRDFATVRKVLSMPQVNIVKKTEVQTGGFSKESIRPKRNSDKLIAR
KKDWDPKKYGGFLWPTVAYSVLVVAKVEKGKSKKLKSVKELLGITIMERSSFEKNPIDFLEAKGYKEVKKDLIIKLPKYS
LFELENGRKRMLASAKQLQKGNELALPSKYVNFLYLASHYEKLKGSPEDNEQKQLFVEQHKHYLDEIIEQISEFSKRVIL
ADANLDKVLSAYNKHRDKPIREQAENIIHLFTLTRLGAPRAFKYFDTTIDPKQYRSTKEVLDATLIHQSITGLYETRIDL
SQLG
;
A
2 'polyribonucleotide'
;UAGAAAUACGCGUUUUAGAGCUAGAAAUAGCAAGUUAAAAUAAGGCUAGUCCGUUAUCAACUUGAAAAAGUGGCACCGAG
UCGGUGCUU
;
B
3 'polydeoxyribonucleotide' (DT)(DC)(DT)(DC)(DT)(DG)(DC)(DT)(DC)(DT)(DG)(DC)(DG)(DT)(DA)(DT)(DT)(DT)(DC)(DT) C
4 'polydeoxyribonucleotide' (DG)(DA)(DG)(DC)(DA)(DG)(DA)(DG)(DA) D
#
# COMPACT_ATOMS: atom_id res chain seq x y z
N LYS A 1 -14.86 -15.49 -43.38
CA LYS A 1 -15.99 -15.13 -42.55
C LYS A 1 -15.64 -15.28 -41.07
N LYS A 2 -14.84 -16.30 -40.76
CA LYS A 2 -14.43 -16.57 -39.39
C LYS A 2 -13.26 -15.65 -39.01
N TYR A 3 -13.06 -15.48 -37.70
CA TYR A 3 -12.05 -14.55 -37.23
C TYR A 3 -11.55 -14.99 -35.86
N SER A 4 -10.49 -14.32 -35.41
CA SER A 4 -9.86 -14.60 -34.13
C SER A 4 -9.40 -13.30 -33.48
N ILE A 5 -9.64 -13.17 -32.18
CA ILE A 5 -9.26 -11.96 -31.44
C ILE A 5 -7.94 -12.19 -30.72
N GLY A 6 -7.00 -11.28 -30.93
CA GLY A 6 -5.74 -11.26 -30.19
C GLY A 6 -5.76 -10.11 -29.21
N LEU A 7 -5.24 -10.34 -28.01
CA LEU A 7 -5.27 -9.36 -26.94
C LEU A 7 -3.89 -9.25 -26.31
N ASP A 8 -3.66 -8.12 -25.66
CA ASP A 8 -2.42 -7.89 -24.92
C ASP A 8 -2.75 -6.93 -23.79
N ILE A 9 -2.79 -7.45 -22.57
CA ILE A 9 -3.23 -6.71 -21.39
C ILE A 9 -1.99 -6.18 -20.68
N GLY A 10 -2.00 -4.89 -20.36
CA GLY A 10 -0.94 -4.27 -19.58
C GLY A 10 -1.52 -3.45 -18.45
N THR A 11 -0.61 -2.83 -17.70
CA THR A 11 -1.03 -1.96 -16.61
C THR A 11 -1.50 -0.59 -17.09
N ASN A 12 -1.20 -0.24 -18.34
CA ASN A 12 -1.60 1.04 -18.91
C ASN A 12 -2.21 0.92 -20.30
N SER A 13 -2.35 -0.29 -20.83
CA SER A 13 -2.78 -0.43 -22.21
C SER A 13 -3.45 -1.77 -22.44
N VAL A 14 -4.42 -1.79 -23.34
CA VAL A 14 -5.02 -3.02 -23.86
C VAL A 14 -4.92 -2.96 -25.38
N GLY A 15 -4.04 -3.78 -25.96
CA GLY A 15 -3.93 -3.87 -27.40
C GLY A 15 -4.82 -4.99 -27.90
N TRP A 16 -5.59 -4.71 -28.95
CA TRP A 16 -6.51 -5.67 -29.51
C TRP A 16 -6.34 -5.75 -31.01
N ALA A 17 -6.64 -6.93 -31.55
CA ALA A 17 -6.60 -7.15 -32.99
C ALA A 17 -7.61 -8.22 -33.37
N VAL A 18 -8.02 -8.18 -34.63
CA VAL A 18 -8.94 -9.13 -35.23
C VAL A 18 -8.31 -9.65 -36.51
N ILE A 19 -8.08 -10.96 -36.57
CA ILE A 19 -7.48 -11.57 -37.76
C ILE A 19 -8.49 -12.52 -38.39
N THR A 20 -8.38 -12.67 -39.71
CA THR A 20 -9.10 -13.71 -40.41
C THR A 20 -8.22 -14.95 -40.53
N ASP A 21 -8.78 -16.04 -41.06
CA ASP A 21 -8.09 -17.33 -41.08
C ASP A 21 -6.89 -17.39 -42.02
N GLU A 22 -6.58 -16.32 -42.76
CA GLU A 22 -5.31 -16.20 -43.47
C GLU A 22 -4.49 -15.04 -42.93
N TYR A 23 -4.72 -14.69 -41.67
CA TYR A 23 -3.95 -13.73 -40.86
C TYR A 23 -3.99 -12.31 -41.40
N LYS A 24 -4.90 -12.01 -42.33
CA LYS A 24 -5.11 -10.63 -42.75
C LYS A 24 -6.05 -9.92 -41.78
N VAL A 25 -5.83 -8.63 -41.60
CA VAL A 25 -6.67 -7.78 -40.77
C VAL A 25 -7.70 -7.10 -41.66
N PRO A 26 -8.99 -7.31 -41.46
CA PRO A 26 -9.99 -6.69 -42.32
C PRO A 26 -10.21 -5.22 -41.97
N SER A 27 -10.88 -4.52 -42.86
CA SER A 27 -11.21 -3.12 -42.67
C SER A 27 -12.64 -2.89 -43.13
N LYS A 28 -13.31 -1.92 -42.49
CA LYS A 28 -14.71 -1.66 -42.77
C LYS A 28 -14.99 -0.17 -42.75
N LYS A 29 -16.03 0.22 -43.48
CA LYS A 29 -16.56 1.58 -43.36
C LYS A 29 -17.50 1.66 -42.16
N PHE A 30 -17.19 2.57 -41.24
CA PHE A 30 -17.99 2.79 -40.05
C PHE A 30 -18.74 4.10 -40.15
N LYS A 31 -19.95 4.11 -39.57
CA LYS A 31 -20.83 5.27 -39.59
C LYS A 31 -20.36 6.33 -38.60
N VAL A 32 -20.40 7.59 -39.04
CA VAL A 32 -20.08 8.73 -38.19
C VAL A 32 -21.38 9.44 -37.86
N LEU A 33 -21.65 9.60 -36.56
CA LEU A 33 -22.76 10.41 -36.11
C LEU A 33 -22.28 11.84 -35.83
N GLY A 34 -23.24 12.73 -35.63
CA GLY A 34 -22.93 14.12 -35.36
C GLY A 34 -23.33 15.02 -36.52
N ASN A 35 -23.03 16.30 -36.34
CA ASN A 35 -23.45 17.34 -37.27
C ASN A 35 -22.41 17.66 -38.34
N THR A 36 -21.32 16.91 -38.39
CA THR A 36 -20.32 17.11 -39.43
C THR A 36 -20.82 16.53 -40.75
N ASP A 37 -20.08 16.82 -41.82
CA ASP A 37 -20.48 16.39 -43.15
C ASP A 37 -19.97 15.00 -43.52
N ARG A 38 -18.80 14.62 -43.01
CA ARG A 38 -18.27 13.28 -43.23
C ARG A 38 -19.18 12.23 -42.61
N HIS A 39 -19.59 11.24 -43.42
CA HIS A 39 -20.63 10.31 -43.03
C HIS A 39 -20.16 8.87 -42.87
N SER A 40 -18.99 8.51 -43.39
CA SER A 40 -18.51 7.14 -43.30
C SER A 40 -16.99 7.15 -43.42
N ILE A 41 -16.33 6.35 -42.59
CA ILE A 41 -14.88 6.37 -42.49
C ILE A 41 -14.36 4.93 -42.51
N LYS A 42 -13.35 4.67 -43.34
CA LYS A 42 -12.75 3.35 -43.38
C LYS A 42 -11.78 3.19 -42.20
N LYS A 43 -11.87 2.05 -41.51
CA LYS A 43 -11.00 1.76 -40.38
C LYS A 43 -10.56 0.31 -40.38
N ASN A 44 -9.32 0.08 -39.96
CA ASN A 44 -8.78 -1.25 -39.76
C ASN A 44 -9.18 -1.80 -38.41
N LEU A 45 -9.33 -3.12 -38.33
CA LEU A 45 -9.68 -3.79 -37.07
C LEU A 45 -8.40 -4.19 -36.34
N ILE A 46 -7.71 -3.18 -35.84
CA ILE A 46 -6.52 -3.35 -34.99
C ILE A 46 -6.30 -2.03 -34.26
N GLY A 47 -5.93 -2.09 -32.99
CA GLY A 47 -5.68 -0.87 -32.26
C GLY A 47 -5.36 -1.13 -30.82
N ALA A 48 -5.23 -0.04 -30.06
CA ALA A 48 -4.90 -0.13 -28.65
C ALA A 48 -5.71 0.92 -27.87
N LEU A 49 -5.89 0.64 -26.59
CA LEU A 49 -6.59 1.54 -25.67
C LEU A 49 -5.65 1.86 -24.52
N LEU A 50 -5.30 3.13 -24.38
CA LEU A 50 -4.39 3.60 -23.34
C LEU A 50 -5.17 4.33 -22.25
N PHE A 51 -4.72 4.17 -21.00
CA PHE A 51 -5.38 4.79 -19.86
C PHE A 51 -4.35 4.98 -18.75
N ASP A 52 -4.68 5.89 -17.83
CA ASP A 52 -3.88 6.04 -16.62
C ASP A 52 -3.99 4.81 -15.73
N SER A 53 -2.90 4.49 -15.06
CA SER A 53 -2.84 3.32 -14.18
C SER A 53 -3.84 3.45 -13.04
N GLY A 54 -4.42 2.32 -12.65
CA GLY A 54 -5.30 2.30 -11.49
C GLY A 54 -4.49 2.31 -10.20
N GLU A 55 -5.00 3.03 -9.21
CA GLU A 55 -4.26 3.28 -7.98
C GLU A 55 -4.80 2.42 -6.85
N THR A 56 -3.92 2.13 -5.90
CA THR A 56 -4.30 1.36 -4.72
C THR A 56 -5.12 2.22 -3.76
N ALA A 57 -5.81 1.55 -2.84
CA ALA A 57 -6.56 2.20 -1.78
C ALA A 57 -5.67 2.70 -0.64
N GLU A 58 -4.35 2.56 -0.76
CA GLU A 58 -3.42 2.83 0.33
C GLU A 58 -3.52 4.27 0.82
N ARG A 59 -3.39 5.23 -0.10
CA ARG A 59 -3.41 6.64 0.26
C ARG A 59 -4.75 7.06 0.83
N THR A 60 -5.84 6.54 0.25
CA THR A 60 -7.17 6.82 0.77
C THR A 60 -7.33 6.31 2.20
N ARG A 61 -6.83 5.11 2.49
CA ARG A 61 -6.94 4.56 3.83
C ARG A 61 -6.10 5.36 4.83
N LEU A 62 -4.89 5.77 4.43
CA LEU A 62 -4.07 6.59 5.32
C LEU A 62 -4.74 7.91 5.63
N LYS A 63 -5.35 8.55 4.62
CA LYS A 63 -5.99 9.83 4.88
C LYS A 63 -7.28 9.67 5.67
N ARG A 64 -7.98 8.55 5.50
CA ARG A 64 -9.15 8.26 6.31
C ARG A 64 -8.78 8.07 7.78
N THR A 65 -7.70 7.32 8.04
CA THR A 65 -7.24 7.13 9.41
C THR A 65 -6.76 8.44 10.02
N ALA A 66 -6.13 9.30 9.21
CA ALA A 66 -5.74 10.62 9.70
C ALA A 66 -6.98 11.47 10.05
N ARG A 67 -8.01 11.40 9.21
CA ARG A 67 -9.27 12.10 9.48
C ARG A 67 -9.86 11.66 10.80
N ARG A 68 -9.91 10.35 11.03
CA ARG A 68 -10.46 9.83 12.28
C ARG A 68 -9.58 10.21 13.47
N ARG A 69 -8.26 10.24 13.27
CA ARG A 69 -7.35 10.68 14.34
C ARG A 69 -7.63 12.11 14.76
N TYR A 70 -7.76 13.01 13.78
CA TYR A 70 -8.03 14.41 14.13
C TYR A 70 -9.41 14.58 14.75
N THR A 71 -10.39 13.81 14.27
CA THR A 71 -11.73 13.86 14.87
C THR A 71 -11.71 13.42 16.32
N ARG A 72 -11.01 12.32 16.62
CA ARG A 72 -10.96 11.81 17.98
C ARG A 72 -10.13 12.70 18.89
N ARG A 73 -9.08 13.34 18.36
CA ARG A 73 -8.31 14.28 19.16
C ARG A 73 -9.14 15.51 19.52
N LYS A 74 -9.89 16.04 18.55
CA LYS A 74 -10.82 17.13 18.84
C LYS A 74 -11.88 16.71 19.85
N ASN A 75 -12.31 15.44 19.79
CA ASN A 75 -13.28 14.96 20.77
C ASN A 75 -12.66 14.86 22.17
N ARG A 76 -11.38 14.47 22.26
CA ARG A 76 -10.68 14.48 23.55
C ARG A 76 -10.67 15.89 24.14
N ILE A 77 -10.33 16.88 23.32
CA ILE A 77 -10.31 18.27 23.81
C ILE A 77 -11.71 18.71 24.21
N CYS A 78 -12.74 18.25 23.47
CA CYS A 78 -14.11 18.62 23.80
C CYS A 78 -14.56 17.98 25.11
N TYR A 79 -14.16 16.74 25.37
CA TYR A 79 -14.46 16.10 26.65
C TYR A 79 -13.80 16.85 27.80
N LEU A 80 -12.54 17.27 27.61
CA LEU A 80 -11.84 17.98 28.65
C LEU A 80 -12.49 19.34 28.93
N GLN A 81 -12.90 20.03 27.86
CA GLN A 81 -13.61 21.30 28.02
C GLN A 81 -14.96 21.12 28.69
N GLU A 82 -15.65 20.01 28.40
CA GLU A 82 -16.90 19.70 29.06
C GLU A 82 -16.70 19.52 30.56
N ILE A 83 -15.66 18.78 30.96
CA ILE A 83 -15.32 18.64 32.37
C ILE A 83 -15.02 20.00 33.01
N PHE A 84 -14.25 20.84 32.32
CA PHE A 84 -13.81 22.10 32.93
C PHE A 84 -14.85 23.21 32.91
N SER A 85 -15.88 23.11 32.06
CA SER A 85 -16.70 24.26 31.70
C SER A 85 -17.41 24.90 32.90
N ASN A 86 -18.00 24.09 33.78
CA ASN A 86 -18.82 24.62 34.86
C ASN A 86 -18.02 25.49 35.82
N GLU A 87 -16.81 25.06 36.17
CA GLU A 87 -15.97 25.87 37.04
C GLU A 87 -15.27 27.00 36.28
N MET A 88 -14.84 26.74 35.04
CA MET A 88 -14.12 27.74 34.28
C MET A 88 -15.01 28.92 33.90
N ALA A 89 -16.33 28.71 33.80
CA ALA A 89 -17.28 29.77 33.56
C ALA A 89 -17.44 30.76 34.73
N LYS A 90 -16.70 30.57 35.83
CA LYS A 90 -16.74 31.49 36.95
C LYS A 90 -15.53 32.40 37.02
N VAL A 91 -14.45 32.08 36.29
CA VAL A 91 -13.25 32.91 36.28
C VAL A 91 -13.03 33.57 34.92
N ASP A 92 -13.33 32.88 33.82
CA ASP A 92 -13.23 33.47 32.48
C ASP A 92 -14.23 32.74 31.59
N ASP A 93 -15.42 33.32 31.43
CA ASP A 93 -16.49 32.64 30.72
C ASP A 93 -16.24 32.55 29.22
N SER A 94 -15.51 33.52 28.66
CA SER A 94 -15.24 33.56 27.22
C SER A 94 -13.93 32.86 26.84
N PHE A 95 -13.27 32.20 27.79
CA PHE A 95 -11.92 31.70 27.59
C PHE A 95 -11.87 30.67 26.47
N PHE A 96 -12.74 29.65 26.52
CA PHE A 96 -12.78 28.63 25.47
C PHE A 96 -13.18 29.25 24.15
N HIS A 97 -14.02 30.28 24.19
CA HIS A 97 -14.40 30.99 22.96
C HIS A 97 -13.19 31.69 22.36
N ARG A 98 -12.34 32.29 23.19
CA ARG A 98 -11.12 32.91 22.68
C ARG A 98 -10.16 31.89 22.12
N LEU A 99 -10.06 30.71 22.75
CA LEU A 99 -9.21 29.66 22.19
C LEU A 99 -9.74 29.18 20.85
N GLU A 100 -11.06 29.10 20.70
CA GLU A 100 -11.63 28.78 19.40
C GLU A 100 -11.37 29.88 18.38
N GLU A 101 -11.46 31.14 18.81
CA GLU A 101 -11.31 32.31 17.94
C GLU A 101 -9.86 32.67 17.64
N SER A 102 -8.90 31.97 18.26
CA SER A 102 -7.49 32.33 18.17
C SER A 102 -6.98 32.38 16.73
N PHE A 103 -7.52 31.56 15.83
CA PHE A 103 -7.03 31.55 14.46
C PHE A 103 -7.42 32.81 13.70
N LEU A 104 -8.55 33.43 14.06
CA LEU A 104 -9.07 34.55 13.30
C LEU A 104 -8.19 35.78 13.45
N VAL A 105 -8.24 36.65 12.44
CA VAL A 105 -7.55 37.94 12.47
C VAL A 105 -8.18 38.84 13.51
N GLU A 106 -7.51 39.97 13.80
CA GLU A 106 -7.90 40.89 14.87
C GLU A 106 -9.33 41.40 14.70
N GLU A 107 -9.78 41.59 13.47
CA GLU A 107 -11.12 42.12 13.26
C GLU A 107 -12.18 41.03 13.32
N ASP A 108 -11.87 39.84 12.82
CA ASP A 108 -12.83 38.75 12.82
C ASP A 108 -13.09 38.19 14.22
N LYS A 109 -12.20 38.42 15.18
CA LYS A 109 -12.45 37.98 16.54
C LYS A 109 -13.59 38.78 17.17
N LYS A 110 -14.46 38.09 17.91
CA LYS A 110 -15.48 38.75 18.71
C LYS A 110 -14.92 39.27 20.02
N HIS A 111 -14.01 38.51 20.63
CA HIS A 111 -13.41 38.88 21.91
C HIS A 111 -12.02 39.48 21.68
N GLU A 112 -11.35 39.81 22.78
CA GLU A 112 -10.04 40.45 22.72
C GLU A 112 -9.00 39.49 22.15
N ARG A 113 -8.01 40.06 21.46
CA ARG A 113 -7.09 39.29 20.63
C ARG A 113 -6.10 38.45 21.44
N HIS A 114 -6.02 38.65 22.75
CA HIS A 114 -5.10 37.87 23.57
C HIS A 114 -5.85 36.66 24.13
N PRO A 115 -5.52 35.43 23.72
CA PRO A 115 -6.37 34.27 24.02
C PRO A 115 -6.47 33.91 25.48
N ILE A 116 -5.33 33.81 26.16
CA ILE A 116 -5.30 33.17 27.48
C ILE A 116 -5.88 34.09 28.56
N PHE A 117 -5.31 35.28 28.72
CA PHE A 117 -5.72 36.16 29.80
C PHE A 117 -6.64 37.29 29.36
N GLY A 118 -6.68 37.61 28.07
CA GLY A 118 -7.61 38.62 27.59
C GLY A 118 -7.14 40.05 27.71
N ASN A 119 -5.88 40.28 28.07
CA ASN A 119 -5.30 41.61 28.05
C ASN A 119 -3.79 41.51 27.88
N ILE A 120 -3.18 42.64 27.51
CA ILE A 120 -1.79 42.63 27.06
C ILE A 120 -0.82 42.38 28.21
N VAL A 121 -1.07 42.99 29.38
CA VAL A 121 -0.08 42.96 30.46
C VAL A 121 0.04 41.58 31.08
N ASP A 122 -1.09 40.91 31.34
CA ASP A 122 -1.02 39.57 31.91
C ASP A 122 -0.49 38.57 30.90
N GLU A 123 -0.80 38.75 29.61
CA GLU A 123 -0.28 37.86 28.58
C GLU A 123 1.23 37.97 28.45
N VAL A 124 1.77 39.19 28.45
CA VAL A 124 3.22 39.34 28.32
C VAL A 124 3.91 38.91 29.62
N ALA A 125 3.26 39.10 30.78
CA ALA A 125 3.82 38.60 32.03
C ALA A 125 3.86 37.08 32.05
N TYR A 126 2.82 36.44 31.52
CA TYR A 126 2.80 34.99 31.41
C TYR A 126 3.90 34.48 30.49
N HIS A 127 4.05 35.12 29.32
CA HIS A 127 5.07 34.67 28.37
C HIS A 127 6.48 34.97 28.83
N GLU A 128 6.68 35.98 29.67
CA GLU A 128 7.98 36.17 30.31
C GLU A 128 8.21 35.18 31.44
N LYS A 129 7.14 34.77 32.13
CA LYS A 129 7.29 33.84 33.24
C LYS A 129 7.58 32.43 32.76
N TYR A 130 6.77 31.92 31.83
CA TYR A 130 6.94 30.61 31.24
C TYR A 130 7.20 30.77 29.75
N PRO A 131 8.47 30.81 29.33
CA PRO A 131 8.78 30.98 27.90
C PRO A 131 8.24 29.86 27.02
N THR A 132 8.18 28.63 27.53
CA THR A 132 7.58 27.51 26.83
C THR A 132 6.39 27.00 27.64
N ILE A 133 5.69 26.03 27.08
CA ILE A 133 4.65 25.35 27.84
C ILE A 133 5.28 24.44 28.89
N TYR A 134 6.49 23.97 28.63
CA TYR A 134 7.13 23.00 29.51
C TYR A 134 7.56 23.65 30.83
N HIS A 135 7.88 24.94 30.82
CA HIS A 135 8.08 25.66 32.06
C HIS A 135 6.81 25.64 32.92
N LEU A 136 5.65 25.85 32.28
CA LEU A 136 4.39 25.83 33.01
C LEU A 136 4.07 24.43 33.52
N ARG A 137 4.37 23.40 32.72
CA ARG A 137 4.14 22.03 33.15
C ARG A 137 5.01 21.66 34.35
N LYS A 138 6.30 22.03 34.30
CA LYS A 138 7.18 21.72 35.42
C LYS A 138 6.79 22.51 36.66
N LYS A 139 6.35 23.76 36.49
CA LYS A 139 5.88 24.55 37.62
C LYS A 139 4.65 23.92 38.26
N LEU A 140 3.70 23.46 37.44
CA LEU A 140 2.50 22.85 38.00
C LEU A 140 2.79 21.49 38.64
N VAL A 141 3.77 20.75 38.12
CA VAL A 141 4.14 19.49 38.74
C VAL A 141 4.83 19.71 40.07
N ASP A 142 5.75 20.67 40.14
CA ASP A 142 6.63 20.79 41.30
C ASP A 142 6.07 21.71 42.39
N SER A 143 5.56 22.88 42.01
CA SER A 143 5.12 23.84 43.01
C SER A 143 3.82 23.38 43.66
N THR A 144 3.60 23.83 44.90
CA THR A 144 2.43 23.46 45.69
C THR A 144 1.49 24.63 45.93
N ASP A 145 1.53 25.64 45.07
CA ASP A 145 0.66 26.79 45.19
C ASP A 145 -0.61 26.59 44.37
N LYS A 146 -1.69 27.22 44.82
CA LYS A 146 -2.95 27.17 44.08
C LYS A 146 -2.81 27.99 42.81
N ALA A 147 -2.88 27.33 41.66
CA ALA A 147 -2.64 27.96 40.37
C ALA A 147 -3.94 28.49 39.79
N ASP A 148 -3.80 29.40 38.83
CA ASP A 148 -4.95 29.84 38.05
C ASP A 148 -5.47 28.67 37.22
N LEU A 149 -6.79 28.54 37.17
CA LEU A 149 -7.43 27.37 36.56
C LEU A 149 -7.12 27.28 35.06
N ARG A 150 -6.98 28.44 34.41
CA ARG A 150 -6.67 28.48 32.99
C ARG A 150 -5.33 27.82 32.68
N LEU A 151 -4.31 28.08 33.51
CA LEU A 151 -3.00 27.49 33.27
C LEU A 151 -3.04 25.98 33.45
N ILE A 152 -3.82 25.52 34.42
CA ILE A 152 -4.06 24.09 34.59
C ILE A 152 -4.69 23.50 33.34
N TYR A 153 -5.68 24.21 32.77
CA TYR A 153 -6.31 23.70 31.55
C TYR A 153 -5.32 23.65 30.38
N LEU A 154 -4.49 24.69 30.21
CA LEU A 154 -3.50 24.65 29.14
C LEU A 154 -2.54 23.49 29.30
N ALA A 155 -2.07 23.23 30.53
CA ALA A 155 -1.15 22.12 30.73
C ALA A 155 -1.82 20.78 30.43
N LEU A 156 -3.02 20.57 31.01
CA LEU A 156 -3.71 19.29 30.84
C LEU A 156 -4.08 19.06 29.38
N ALA A 157 -4.52 20.10 28.67
CA ALA A 157 -4.84 19.97 27.27
C ALA A 157 -3.58 19.73 26.43
N HIS A 158 -2.44 20.31 26.84
CA HIS A 158 -1.23 20.07 26.08
C HIS A 158 -0.74 18.64 26.24
N MET A 159 -0.94 18.03 27.42
CA MET A 159 -0.62 16.59 27.46
C MET A 159 -1.70 15.73 26.79
N ILE A 160 -2.98 16.10 26.90
CA ILE A 160 -4.03 15.24 26.35
C ILE A 160 -4.00 15.26 24.82
N LYS A 161 -3.77 16.42 24.23
CA LYS A 161 -3.70 16.54 22.78
C LYS A 161 -2.49 15.81 22.23
N PHE A 162 -1.29 16.16 22.71
CA PHE A 162 -0.04 15.55 22.26
C PHE A 162 0.41 14.53 23.30
N ARG A 163 -0.23 13.37 23.28
CA ARG A 163 -0.12 12.43 24.40
C ARG A 163 0.98 11.39 24.24
N GLY A 164 1.70 11.36 23.12
CA GLY A 164 2.77 10.40 22.96
C GLY A 164 2.27 9.00 22.69
N HIS A 165 3.22 8.09 22.48
CA HIS A 165 2.89 6.79 21.91
C HIS A 165 2.50 5.77 22.99
N PHE A 166 1.90 4.68 22.54
CA PHE A 166 1.34 3.65 23.42
C PHE A 166 2.06 2.32 23.26
N LEU A 167 3.27 2.32 22.71
CA LEU A 167 3.96 1.09 22.34
C LEU A 167 4.43 0.27 23.54
N ILE A 168 4.39 0.81 24.75
CA ILE A 168 4.84 0.11 25.94
C ILE A 168 3.62 -0.33 26.73
N GLU A 169 3.50 -1.64 26.96
CA GLU A 169 2.32 -2.21 27.58
C GLU A 169 2.26 -1.99 29.08
N GLY A 170 3.42 -1.88 29.73
CA GLY A 170 3.52 -1.95 31.17
C GLY A 170 3.14 -0.68 31.89
N ASP A 171 3.75 -0.50 33.07
CA ASP A 171 3.51 0.65 33.92
C ASP A 171 4.79 1.47 34.10
N LEU A 172 5.44 1.79 32.98
CA LEU A 172 6.60 2.65 32.88
C LEU A 172 6.48 3.89 33.75
N ASN A 173 7.45 4.10 34.63
CA ASN A 173 7.33 5.19 35.58
C ASN A 173 8.69 5.84 35.85
N PRO A 174 8.85 7.13 35.52
CA PRO A 174 10.06 7.87 35.90
C PRO A 174 9.97 8.52 37.27
N ASP A 175 9.55 7.73 38.27
CA ASP A 175 9.63 8.15 39.66
C ASP A 175 10.55 7.28 40.52
N ASN A 176 11.02 6.16 39.98
CA ASN A 176 12.02 5.34 40.64
C ASN A 176 13.27 5.07 39.80
N SER A 177 13.18 5.22 38.49
CA SER A 177 14.24 4.86 37.56
C SER A 177 14.77 6.09 36.82
N ASP A 178 14.82 7.23 37.52
CA ASP A 178 15.31 8.47 36.91
C ASP A 178 16.78 8.36 36.52
N VAL A 179 17.60 7.74 37.38
CA VAL A 179 19.05 7.72 37.19
C VAL A 179 19.56 6.29 37.17
N ASP A 180 20.66 6.09 36.43
CA ASP A 180 21.22 4.76 36.19
C ASP A 180 22.17 4.40 37.33
N LYS A 181 21.57 3.99 38.45
CA LYS A 181 22.30 3.60 39.65
C LYS A 181 21.77 2.30 40.24
N LEU A 182 21.04 1.53 39.44
CA LEU A 182 20.33 0.32 39.88
C LEU A 182 21.24 -0.82 40.35
N PHE A 183 22.56 -0.71 40.16
CA PHE A 183 23.50 -1.70 40.72
C PHE A 183 23.28 -2.02 42.20
N ILE A 184 22.97 -1.02 43.03
CA ILE A 184 22.87 -1.33 44.45
C ILE A 184 21.66 -2.22 44.74
N GLN A 185 20.49 -1.93 44.15
CA GLN A 185 19.33 -2.79 44.36
C GLN A 185 19.49 -4.16 43.70
N LEU A 186 20.02 -4.17 42.48
CA LEU A 186 20.23 -5.42 41.75
C LEU A 186 21.20 -6.35 42.47
N VAL A 187 22.38 -5.83 42.82
CA VAL A 187 23.41 -6.64 43.45
C VAL A 187 23.02 -7.06 44.85
N GLN A 188 22.36 -6.16 45.61
CA GLN A 188 21.92 -6.55 46.96
C GLN A 188 20.81 -7.60 46.90
N THR A 189 19.90 -7.51 45.92
CA THR A 189 18.90 -8.55 45.76
C THR A 189 19.53 -9.89 45.38
N TYR A 190 20.51 -9.85 44.46
CA TYR A 190 21.24 -11.06 44.07
C TYR A 190 21.95 -11.69 45.28
N ASN A 191 22.67 -10.88 46.05
CA ASN A 191 23.40 -11.40 47.20
C ASN A 191 22.49 -11.81 48.34
N GLN A 192 21.28 -11.23 48.41
CA GLN A 192 20.28 -11.71 49.36
C GLN A 192 19.73 -13.06 48.95
N LEU A 193 19.61 -13.31 47.64
CA LEU A 193 19.11 -14.61 47.20
C LEU A 193 20.21 -15.67 47.18
N PHE A 194 21.40 -15.31 46.73
CA PHE A 194 22.44 -16.28 46.41
C PHE A 194 23.36 -16.44 47.63
N GLU A 195 24.27 -17.42 47.54
CA GLU A 195 25.20 -17.74 48.63
C GLU A 195 26.55 -17.06 48.47
N GLU A 196 27.23 -17.26 47.33
CA GLU A 196 28.64 -16.90 47.20
C GLU A 196 28.86 -15.40 47.02
N ASN A 197 27.89 -14.69 46.42
CA ASN A 197 27.72 -13.24 46.52
C ASN A 197 28.93 -12.42 46.08
N PRO A 198 29.16 -12.25 44.77
CA PRO A 198 30.21 -11.33 44.32
C PRO A 198 29.78 -9.87 44.54
N ILE A 199 30.74 -8.97 44.33
CA ILE A 199 30.58 -7.57 44.68
C ILE A 199 31.06 -6.71 43.51
N ASN A 200 30.60 -5.45 43.48
CA ASN A 200 30.75 -4.56 42.34
C ASN A 200 32.21 -4.31 41.99
N ALA A 201 32.50 -4.26 40.69
CA ALA A 201 33.82 -3.86 40.20
C ALA A 201 33.81 -2.74 39.19
N SER A 202 32.66 -2.37 38.62
CA SER A 202 32.58 -1.23 37.70
C SER A 202 31.16 -0.71 37.68
N GLY A 203 30.99 0.60 37.88
CA GLY A 203 29.67 1.20 37.94
C GLY A 203 29.14 1.83 36.66
N VAL A 204 29.48 1.29 35.49
CA VAL A 204 29.09 1.90 34.24
C VAL A 204 27.58 1.80 34.03
N ASP A 205 26.94 0.81 34.64
CA ASP A 205 25.48 0.58 34.72
C ASP A 205 24.87 0.59 33.33
N ALA A 206 23.83 1.40 33.06
CA ALA A 206 23.17 1.39 31.75
C ALA A 206 23.97 2.09 30.66
N LYS A 207 24.91 2.97 31.03
CA LYS A 207 25.60 3.80 30.05
C LYS A 207 26.49 3.00 29.12
N ALA A 208 26.78 1.75 29.46
CA ALA A 208 27.49 0.87 28.54
C ALA A 208 26.63 0.61 27.32
N ILE A 209 25.45 0.01 27.53
CA ILE A 209 24.62 -0.34 26.38
C ILE A 209 23.96 0.88 25.78
N LEU A 210 23.94 2.01 26.51
CA LEU A 210 23.44 3.25 25.95
C LEU A 210 24.33 3.72 24.80
N SER A 211 25.61 3.35 24.81
CA SER A 211 26.55 3.83 23.82
C SER A 211 26.58 2.99 22.53
N ALA A 212 25.77 1.94 22.44
CA ALA A 212 25.89 1.06 21.28
C ALA A 212 24.56 0.39 20.98
N ARG A 213 24.47 -0.17 19.78
CA ARG A 213 23.37 -1.04 19.40
C ARG A 213 23.54 -2.38 20.10
N LEU A 214 22.39 -2.99 20.47
CA LEU A 214 22.38 -4.13 21.37
C LEU A 214 23.07 -5.35 20.76
N SER A 215 23.92 -6.00 21.55
CA SER A 215 24.61 -7.22 21.14
C SER A 215 25.17 -7.91 22.37
N LYS A 216 25.38 -9.22 22.24
CA LYS A 216 26.11 -9.97 23.26
C LYS A 216 27.57 -9.52 23.34
N SER A 217 28.17 -9.20 22.18
CA SER A 217 29.58 -8.82 22.11
C SER A 217 29.86 -7.53 22.86
N ARG A 218 28.87 -6.64 22.96
CA ARG A 218 29.03 -5.46 23.83
C ARG A 218 29.00 -5.87 25.29
N ARG A 219 27.97 -6.61 25.69
CA ARG A 219 27.67 -6.73 27.12
C ARG A 219 28.50 -7.79 27.83
N LEU A 220 29.04 -8.79 27.14
CA LEU A 220 29.76 -9.87 27.82
C LEU A 220 31.01 -9.38 28.55
N GLU A 221 31.90 -8.68 27.82
CA GLU A 221 33.12 -8.19 28.45
C GLU A 221 32.82 -7.07 29.43
N ASN A 222 31.76 -6.30 29.17
CA ASN A 222 31.42 -5.22 30.08
C ASN A 222 30.86 -5.77 31.40
N LEU A 223 30.08 -6.86 31.34
CA LEU A 223 29.57 -7.44 32.58
C LEU A 223 30.66 -8.20 33.32
N ILE A 224 31.64 -8.76 32.60
CA ILE A 224 32.79 -9.35 33.27
C ILE A 224 33.59 -8.29 34.02
N ALA A 225 33.79 -7.12 33.40
CA ALA A 225 34.48 -6.03 34.10
C ALA A 225 33.65 -5.47 35.24
N GLN A 226 32.33 -5.39 35.04
CA GLN A 226 31.40 -4.96 36.09
C GLN A 226 31.38 -5.93 37.27
N LEU A 227 31.42 -7.24 36.99
CA LEU A 227 31.16 -8.28 37.97
C LEU A 227 31.92 -9.52 37.55
N PRO A 228 32.88 -9.98 38.35
CA PRO A 228 33.76 -11.09 37.92
C PRO A 228 33.02 -12.38 37.57
N GLY A 229 33.50 -13.03 36.52
CA GLY A 229 32.74 -14.05 35.82
C GLY A 229 32.65 -15.40 36.50
N GLU A 230 31.92 -15.47 37.60
CA GLU A 230 31.58 -16.78 38.17
C GLU A 230 30.49 -17.48 37.38
N LYS A 231 29.67 -16.73 36.64
CA LYS A 231 28.49 -17.25 35.95
C LYS A 231 28.38 -16.49 34.62
N LYS A 232 28.84 -17.12 33.54
CA LYS A 232 28.98 -16.42 32.26
C LYS A 232 27.62 -15.95 31.72
N ASN A 233 26.55 -16.66 32.05
CA ASN A 233 25.20 -16.14 31.93
C ASN A 233 24.53 -16.29 33.29
N GLY A 234 23.82 -15.25 33.72
CA GLY A 234 23.26 -15.25 35.04
C GLY A 234 24.18 -14.75 36.15
N LEU A 235 25.02 -13.77 35.85
CA LEU A 235 25.73 -13.05 36.89
C LEU A 235 24.82 -12.09 37.65
N PHE A 236 23.72 -11.68 37.03
CA PHE A 236 22.76 -10.72 37.58
C PHE A 236 23.40 -9.36 37.87
N GLY A 237 24.39 -8.97 37.07
CA GLY A 237 24.61 -7.60 36.71
C GLY A 237 23.74 -7.22 35.52
N ASN A 238 24.01 -6.06 34.95
CA ASN A 238 23.29 -5.64 33.75
C ASN A 238 23.75 -6.49 32.57
N LEU A 239 22.85 -7.34 32.09
CA LEU A 239 23.15 -8.33 31.06
C LEU A 239 22.00 -8.35 30.07
N ILE A 240 22.28 -8.80 28.85
CA ILE A 240 21.34 -8.61 27.75
C ILE A 240 20.08 -9.46 27.93
N ALA A 241 20.22 -10.67 28.47
CA ALA A 241 19.06 -11.57 28.55
C ALA A 241 18.04 -11.09 29.58
N LEU A 242 18.50 -10.36 30.60
CA LEU A 242 17.60 -9.75 31.58
C LEU A 242 17.15 -8.36 31.17
N SER A 243 18.02 -7.60 30.51
CA SER A 243 17.67 -6.25 30.07
C SER A 243 16.71 -6.29 28.90
N LEU A 244 16.96 -7.19 27.95
CA LEU A 244 16.36 -7.14 26.63
C LEU A 244 15.81 -8.52 26.29
N GLY A 245 14.72 -8.54 25.52
CA GLY A 245 14.05 -9.79 25.24
C GLY A 245 14.81 -10.63 24.24
N LEU A 246 14.57 -11.94 24.31
CA LEU A 246 15.15 -12.90 23.39
C LEU A 246 14.04 -13.46 22.51
N THR A 247 14.27 -13.49 21.20
CA THR A 247 13.22 -13.98 20.29
C THR A 247 13.03 -15.50 20.34
N PRO A 248 14.07 -16.35 20.32
CA PRO A 248 13.80 -17.77 20.59
C PRO A 248 13.50 -18.00 22.07
N ASN A 249 12.64 -18.99 22.33
CA ASN A 249 12.24 -19.34 23.69
C ASN A 249 13.25 -20.30 24.32
N PHE A 250 14.47 -19.81 24.49
CA PHE A 250 15.54 -20.62 25.03
C PHE A 250 15.45 -20.66 26.56
N LYS A 251 15.89 -21.79 27.12
CA LYS A 251 15.78 -22.04 28.55
C LYS A 251 16.69 -21.11 29.35
N SER A 252 16.26 -20.81 30.58
CA SER A 252 16.93 -19.83 31.41
C SER A 252 18.30 -20.34 31.88
N ASN A 253 19.08 -19.41 32.45
CA ASN A 253 20.45 -19.72 32.85
C ASN A 253 20.52 -20.72 34.00
N PHE A 254 19.62 -20.59 34.98
CA PHE A 254 19.71 -21.37 36.20
C PHE A 254 18.32 -21.80 36.65
N ASP A 255 18.30 -22.85 37.48
CA ASP A 255 17.04 -23.44 37.95
C ASP A 255 16.51 -22.73 39.19
N LEU A 256 16.47 -21.40 39.15
CA LEU A 256 15.60 -20.65 40.03
C LEU A 256 14.15 -20.72 39.57
N ALA A 257 13.94 -20.86 38.26
CA ALA A 257 12.61 -20.85 37.66
C ALA A 257 12.50 -21.97 36.64
N GLU A 258 13.03 -23.15 36.97
CA GLU A 258 12.91 -24.38 36.16
C GLU A 258 13.47 -24.22 34.75
N ASP A 259 14.44 -23.31 34.58
CA ASP A 259 15.00 -22.93 33.28
C ASP A 259 13.90 -22.42 32.34
N ALA A 260 13.18 -21.40 32.82
CA ALA A 260 12.04 -20.84 32.10
C ALA A 260 12.45 -20.31 30.73
N LYS A 261 11.64 -20.63 29.72
CA LYS A 261 11.90 -20.20 28.36
C LYS A 261 11.69 -18.70 28.23
N LEU A 262 12.65 -18.02 27.60
CA LEU A 262 12.64 -16.57 27.55
C LEU A 262 11.65 -16.05 26.51
N GLN A 263 11.18 -14.83 26.73
CA GLN A 263 10.26 -14.14 25.82
C GLN A 263 10.62 -12.67 25.75
N LEU A 264 10.08 -11.99 24.76
CA LEU A 264 10.19 -10.54 24.68
C LEU A 264 9.33 -9.88 25.77
N SER A 265 9.59 -8.58 25.98
CA SER A 265 8.86 -7.82 26.98
C SER A 265 7.42 -7.60 26.53
N LYS A 266 6.48 -8.06 27.34
CA LYS A 266 5.04 -7.97 27.06
C LYS A 266 4.30 -8.16 28.37
N ASP A 267 2.99 -8.39 28.29
CA ASP A 267 2.18 -8.68 29.48
C ASP A 267 2.57 -10.01 30.11
N THR A 268 3.29 -10.86 29.37
CA THR A 268 3.82 -12.14 29.88
C THR A 268 4.97 -11.96 30.86
N TYR A 269 5.42 -10.74 31.12
CA TYR A 269 6.30 -10.46 32.23
C TYR A 269 5.55 -10.23 33.53
N ASP A 270 4.23 -10.03 33.46
CA ASP A 270 3.38 -9.98 34.65
C ASP A 270 2.93 -11.37 35.08
N ASP A 271 2.65 -12.27 34.13
CA ASP A 271 2.22 -13.62 34.44
C ASP A 271 3.30 -14.54 33.87
N ASP A 272 4.03 -15.21 34.75
CA ASP A 272 4.98 -16.27 34.40
C ASP A 272 4.81 -17.42 35.38
N LEU A 273 3.54 -17.83 35.59
CA LEU A 273 3.20 -18.76 36.67
C LEU A 273 3.81 -20.14 36.45
N ASP A 274 3.77 -20.64 35.21
CA ASP A 274 4.13 -22.04 34.90
C ASP A 274 5.51 -22.42 35.41
N ASN A 275 6.52 -21.57 35.17
CA ASN A 275 7.87 -21.89 35.60
C ASN A 275 8.45 -20.94 36.63
N LEU A 276 7.94 -19.73 36.77
CA LEU A 276 8.58 -18.73 37.63
C LEU A 276 7.75 -18.38 38.86
N LEU A 277 6.52 -17.90 38.69
CA LEU A 277 5.81 -17.32 39.83
C LEU A 277 5.26 -18.36 40.80
N ALA A 278 4.98 -19.57 40.34
CA ALA A 278 4.54 -20.64 41.22
C ALA A 278 5.68 -21.49 41.77
N GLN A 279 6.92 -21.23 41.38
CA GLN A 279 8.02 -22.12 41.70
C GLN A 279 9.11 -21.48 42.55
N ILE A 280 9.40 -20.20 42.35
CA ILE A 280 10.48 -19.55 43.08
C ILE A 280 10.02 -19.25 44.51
N ASP A 286 12.86 -9.61 44.65
CA ASP A 286 12.68 -10.22 43.35
C ASP A 286 13.73 -9.64 42.39
N LEU A 287 14.44 -10.52 41.69
CA LEU A 287 15.43 -10.09 40.71
C LEU A 287 14.77 -9.39 39.53
N PHE A 288 13.59 -9.86 39.11
CA PHE A 288 12.97 -9.35 37.90
C PHE A 288 12.39 -7.96 38.09
N LEU A 289 12.10 -7.56 39.34
CA LEU A 289 11.73 -6.18 39.61
C LEU A 289 12.88 -5.24 39.27
N ALA A 290 14.09 -5.60 39.71
CA ALA A 290 15.28 -4.84 39.35
C ALA A 290 15.58 -4.94 37.86
N ALA A 291 15.28 -6.09 37.24
CA ALA A 291 15.48 -6.23 35.79
C ALA A 291 14.60 -5.28 35.01
N LYS A 292 13.31 -5.22 35.34
CA LYS A 292 12.43 -4.27 34.65
C LYS A 292 12.74 -2.84 35.03
N ASN A 293 13.25 -2.60 36.24
CA ASN A 293 13.71 -1.27 36.61
C ASN A 293 14.89 -0.83 35.75
N LEU A 294 15.81 -1.74 35.48
CA LEU A 294 16.95 -1.40 34.62
C LEU A 294 16.57 -1.33 33.15
N SER A 295 15.52 -2.03 32.73
CA SER A 295 14.97 -1.82 31.39
C SER A 295 14.36 -0.42 31.26
N ASP A 296 13.61 0.00 32.29
CA ASP A 296 13.17 1.39 32.38
C ASP A 296 14.34 2.34 32.32
N ALA A 297 15.42 2.02 33.04
CA ALA A 297 16.61 2.85 33.07
C ALA A 297 17.22 3.02 31.69
N ILE A 298 17.42 1.90 30.97
CA ILE A 298 18.07 1.99 29.67
C ILE A 298 17.19 2.77 28.68
N LEU A 299 15.87 2.53 28.68
CA LEU A 299 15.06 3.17 27.66
C LEU A 299 14.85 4.66 27.95
N LEU A 300 14.63 5.02 29.22
CA LEU A 300 14.54 6.45 29.56
C LEU A 300 15.87 7.15 29.30
N SER A 301 17.00 6.52 29.66
CA SER A 301 18.29 7.12 29.34
C SER A 301 18.54 7.23 27.84
N ASP A 302 17.86 6.42 27.01
CA ASP A 302 17.87 6.72 25.58
C ASP A 302 17.01 7.93 25.25
N ILE A 303 15.92 8.17 25.98
CA ILE A 303 15.04 9.28 25.62
C ILE A 303 15.15 10.49 26.55
N LEU A 304 15.41 10.31 27.85
CA LEU A 304 15.51 11.41 28.81
C LEU A 304 16.98 11.72 29.09
N ARG A 305 17.33 13.00 29.10
CA ARG A 305 18.68 13.41 29.43
C ARG A 305 18.89 13.27 30.94
N VAL A 306 20.13 13.54 31.37
CA VAL A 306 20.50 13.38 32.77
C VAL A 306 19.74 14.35 33.64
N ASN A 307 19.27 13.88 34.79
CA ASN A 307 18.60 14.72 35.78
C ASN A 307 19.37 14.64 37.10
N THR A 308 20.04 15.73 37.45
CA THR A 308 20.74 15.80 38.73
C THR A 308 19.88 16.34 39.85
N GLU A 309 18.85 17.13 39.53
CA GLU A 309 17.84 17.52 40.49
C GLU A 309 16.69 16.52 40.45
N ILE A 310 16.20 16.16 41.63
CA ILE A 310 15.08 15.22 41.72
C ILE A 310 13.78 15.98 41.49
N THR A 311 12.95 15.47 40.57
CA THR A 311 11.69 16.11 40.22
C THR A 311 10.76 15.05 39.66
N LYS A 312 9.46 15.32 39.73
CA LYS A 312 8.45 14.41 39.25
C LYS A 312 8.11 14.62 37.77
N ALA A 313 8.76 15.58 37.11
CA ALA A 313 8.53 15.88 35.70
C ALA A 313 9.86 15.89 34.98
N PRO A 314 10.39 14.70 34.63
CA PRO A 314 11.69 14.66 33.94
C PRO A 314 11.65 15.20 32.53
N LEU A 315 10.54 15.03 31.81
CA LEU A 315 10.45 15.51 30.44
C LEU A 315 10.42 17.02 30.37
N SER A 316 9.62 17.66 31.24
CA SER A 316 9.59 19.11 31.30
C SER A 316 10.94 19.68 31.71
N ALA A 317 11.63 19.03 32.64
CA ALA A 317 12.96 19.49 33.05
C ALA A 317 13.96 19.34 31.90
N SER A 318 13.85 18.25 31.14
CA SER A 318 14.70 18.08 29.96
C SER A 318 14.44 19.15 28.92
N MET A 319 13.16 19.51 28.73
CA MET A 319 12.81 20.55 27.76
C MET A 319 13.31 21.92 28.21
N ILE A 320 13.21 22.22 29.51
CA ILE A 320 13.76 23.47 30.04
C ILE A 320 15.28 23.51 29.86
N LYS A 321 15.95 22.39 30.08
CA LYS A 321 17.39 22.33 29.86
C LYS A 321 17.74 22.56 28.40
N ARG A 322 16.96 21.95 27.50
CA ARG A 322 17.10 22.15 26.06
C ARG A 322 16.95 23.62 25.69
N TYR A 323 15.95 24.28 26.28
CA TYR A 323 15.70 25.70 26.02
C TYR A 323 16.85 26.56 26.52
N ASP A 324 17.36 26.26 27.73
CA ASP A 324 18.42 27.07 28.31
C ASP A 324 19.72 26.92 27.54
N GLU A 325 20.05 25.70 27.10
CA GLU A 325 21.24 25.52 26.28
C GLU A 325 21.08 26.19 24.92
N HIS A 326 19.87 26.18 24.35
CA HIS A 326 19.60 26.95 23.14
C HIS A 326 19.90 28.43 23.35
N HIS A 327 19.43 28.98 24.48
CA HIS A 327 19.63 30.40 24.76
C HIS A 327 21.10 30.74 24.93
N GLN A 328 21.82 29.91 25.69
CA GLN A 328 23.24 30.17 25.94
C GLN A 328 24.07 30.08 24.66
N ASP A 329 23.84 29.03 23.85
CA ASP A 329 24.61 28.91 22.62
C ASP A 329 24.21 29.95 21.59
N LEU A 330 22.96 30.42 21.61
CA LEU A 330 22.56 31.54 20.76
C LEU A 330 23.32 32.80 21.13
N THR A 331 23.40 33.11 22.43
CA THR A 331 24.13 34.30 22.88
C THR A 331 25.61 34.20 22.52
N LEU A 332 26.21 33.04 22.77
CA LEU A 332 27.62 32.84 22.43
C LEU A 332 27.87 32.95 20.94
N LEU A 333 27.00 32.34 20.12
CA LEU A 333 27.16 32.39 18.67
C LEU A 333 27.01 33.81 18.15
N LYS A 334 26.04 34.56 18.67
CA LYS A 334 25.88 35.95 18.28
C LYS A 334 27.11 36.78 18.63
N ALA A 335 27.67 36.58 19.82
CA ALA A 335 28.89 37.30 20.19
C ALA A 335 30.06 36.94 19.29
N LEU A 336 30.22 35.65 18.98
CA LEU A 336 31.33 35.21 18.13
C LEU A 336 31.19 35.75 16.71
N VAL A 337 29.97 35.75 16.17
CA VAL A 337 29.76 36.25 14.81
C VAL A 337 29.87 37.77 14.77
N ARG A 338 29.52 38.44 15.87
CA ARG A 338 29.76 39.89 15.96
C ARG A 338 31.24 40.21 16.00
N GLN A 339 32.03 39.38 16.67
CA GLN A 339 33.43 39.71 16.86
C GLN A 339 34.27 39.34 15.64
N GLN A 340 34.10 38.12 15.11
CA GLN A 340 35.06 37.62 14.12
C GLN A 340 34.57 37.66 12.69
N LEU A 341 33.25 37.68 12.43
CA LEU A 341 32.72 37.77 11.06
C LEU A 341 31.55 38.74 11.02
N PRO A 342 31.80 40.04 11.21
CA PRO A 342 30.69 41.00 11.36
C PRO A 342 29.82 41.15 10.12
N GLU A 343 30.36 40.85 8.93
CA GLU A 343 29.56 40.95 7.72
C GLU A 343 28.56 39.82 7.55
N LYS A 344 28.79 38.67 8.22
CA LYS A 344 27.86 37.55 8.10
C LYS A 344 26.66 37.64 9.03
N TYR A 345 26.66 38.61 9.95
CA TYR A 345 25.61 38.70 10.96
C TYR A 345 24.25 38.93 10.32
N LYS A 346 24.18 39.84 9.35
CA LYS A 346 22.95 40.11 8.63
C LYS A 346 22.47 38.86 7.93
N GLU A 347 23.39 38.16 7.26
CA GLU A 347 23.02 36.96 6.54
C GLU A 347 22.53 35.88 7.50
N ILE A 348 23.22 35.71 8.64
CA ILE A 348 22.85 34.63 9.54
C ILE A 348 21.54 34.93 10.26
N PHE A 349 21.39 36.14 10.80
CA PHE A 349 20.36 36.41 11.77
C PHE A 349 19.23 37.29 11.27
N PHE A 350 19.21 37.67 10.00
CA PHE A 350 18.09 38.44 9.49
C PHE A 350 17.51 37.83 8.22
N ASP A 351 18.36 37.26 7.37
CA ASP A 351 17.93 36.76 6.08
C ASP A 351 17.32 35.38 6.25
N GLN A 352 16.00 35.29 6.08
CA GLN A 352 15.24 34.08 6.39
C GLN A 352 14.99 33.21 5.16
N SER A 353 15.91 33.24 4.21
CA SER A 353 15.82 32.34 3.06
C SER A 353 17.17 31.73 2.70
N LYS A 354 18.11 31.71 3.64
CA LYS A 354 19.48 31.27 3.38
C LYS A 354 19.87 30.06 4.21
N ASN A 355 18.92 29.42 4.89
CA ASN A 355 19.14 28.32 5.83
C ASN A 355 20.06 28.72 6.98
N GLY A 356 20.07 30.00 7.33
CA GLY A 356 20.80 30.47 8.49
C GLY A 356 19.99 30.25 9.75
N TYR A 357 20.24 31.08 10.77
CA TYR A 357 19.45 30.97 11.98
C TYR A 357 18.05 31.51 11.78
N ALA A 358 17.92 32.64 11.09
CA ALA A 358 16.60 33.18 10.79
C ALA A 358 15.82 32.27 9.85
N GLY A 359 16.51 31.61 8.91
CA GLY A 359 15.86 30.64 8.07
C GLY A 359 15.54 29.33 8.76
N TYR A 360 16.18 29.06 9.90
CA TYR A 360 15.88 27.87 10.68
C TYR A 360 14.75 28.11 11.66
N ILE A 361 14.62 29.33 12.18
CA ILE A 361 13.55 29.66 13.10
C ILE A 361 12.32 30.14 12.34
N ASP A 362 12.48 31.18 11.52
CA ASP A 362 11.35 31.80 10.85
C ASP A 362 11.10 31.24 9.45
N GLY A 363 12.15 30.75 8.79
CA GLY A 363 12.00 30.14 7.47
C GLY A 363 11.49 28.72 7.56
N GLY A 364 11.98 27.88 6.65
CA GLY A 364 11.53 26.50 6.62
C GLY A 364 12.64 25.48 6.71
N ALA A 365 13.84 25.94 7.08
CA ALA A 365 14.98 25.04 7.19
C ALA A 365 14.84 24.14 8.40
N SER A 366 15.08 22.84 8.20
CA SER A 366 15.08 21.88 9.29
C SER A 366 16.38 22.00 10.10
N GLN A 367 16.49 21.17 11.13
CA GLN A 367 17.71 21.13 11.94
C GLN A 367 18.89 20.64 11.11
N GLU A 368 18.66 19.63 10.26
CA GLU A 368 19.74 19.06 9.46
C GLU A 368 20.28 20.05 8.45
N GLU A 369 19.39 20.74 7.74
CA GLU A 369 19.80 21.74 6.75
C GLU A 369 20.51 22.90 7.42
N PHE A 370 20.00 23.35 8.57
CA PHE A 370 20.64 24.43 9.32
C PHE A 370 22.04 24.03 9.77
N TYR A 371 22.20 22.79 10.25
CA TYR A 371 23.52 22.31 10.66
C TYR A 371 24.46 22.25 9.47
N LYS A 372 23.97 21.74 8.33
CA LYS A 372 24.81 21.62 7.15
C LYS A 372 25.23 22.98 6.60
N PHE A 373 24.37 23.98 6.73
CA PHE A 373 24.75 25.34 6.34
C PHE A 373 25.77 25.91 7.31
N ILE A 374 25.52 25.80 8.61
CA ILE A 374 26.25 26.62 9.58
C ILE A 374 27.57 25.98 10.01
N LYS A 375 27.75 24.67 9.81
CA LYS A 375 28.96 24.00 10.26
C LYS A 375 30.27 24.52 9.67
N PRO A 376 30.38 24.85 8.37
CA PRO A 376 31.60 25.51 7.90
C PRO A 376 31.87 26.86 8.57
N ILE A 377 30.82 27.60 8.93
CA ILE A 377 30.99 28.86 9.64
C ILE A 377 31.60 28.63 11.01
N LEU A 378 31.12 27.61 11.72
CA LEU A 378 31.70 27.27 13.02
C LEU A 378 33.12 26.75 12.89
N GLU A 379 33.42 26.01 11.80
CA GLU A 379 34.75 25.43 11.67
C GLU A 379 35.79 26.49 11.30
N LYS A 380 35.42 27.44 10.43
CA LYS A 380 36.38 28.46 10.04
C LYS A 380 36.63 29.48 11.15
N MET A 381 35.70 29.62 12.08
CA MET A 381 35.90 30.44 13.27
C MET A 381 36.70 29.66 14.31
N ASP A 382 37.01 30.32 15.42
CA ASP A 382 37.67 29.65 16.54
C ASP A 382 37.05 30.12 17.85
N GLY A 383 37.27 29.32 18.90
CA GLY A 383 36.48 29.46 20.11
C GLY A 383 35.16 28.74 20.07
N THR A 384 34.90 27.96 19.02
CA THR A 384 33.62 27.33 18.76
C THR A 384 33.60 25.85 19.13
N GLU A 385 34.55 25.41 19.97
CA GLU A 385 34.80 23.97 20.15
C GLU A 385 33.61 23.27 20.77
N GLU A 386 33.02 23.86 21.83
CA GLU A 386 31.86 23.24 22.44
C GLU A 386 30.65 23.29 21.51
N LEU A 387 30.52 24.35 20.71
CA LEU A 387 29.44 24.41 19.73
C LEU A 387 29.65 23.36 18.63
N LEU A 388 30.91 23.15 18.23
CA LEU A 388 31.20 22.15 17.21
C LEU A 388 30.91 20.74 17.71
N VAL A 389 31.29 20.43 18.95
CA VAL A 389 31.01 19.08 19.45
C VAL A 389 29.52 18.90 19.71
N LYS A 390 28.80 19.95 20.13
CA LYS A 390 27.35 19.87 20.24
C LYS A 390 26.70 19.61 18.87
N LEU A 391 27.22 20.26 17.83
CA LEU A 391 26.72 20.02 16.48
C LEU A 391 27.00 18.59 16.03
N ASN A 392 28.18 18.07 16.39
CA ASN A 392 28.51 16.68 16.06
C ASN A 392 27.61 15.70 16.77
N ARG A 393 27.17 16.02 17.99
CA ARG A 393 26.17 15.21 18.69
C ARG A 393 24.74 15.57 18.32
N GLU A 394 24.55 16.48 17.36
CA GLU A 394 23.25 16.99 16.94
C GLU A 394 22.45 17.53 18.12
N ASP A 395 23.10 18.35 18.95
CA ASP A 395 22.47 18.91 20.13
C ASP A 395 22.93 20.37 20.27
N LEU A 396 22.91 21.08 19.15
CA LEU A 396 23.21 22.51 19.13
C LEU A 396 21.97 23.26 18.69
N LEU A 397 21.51 24.19 19.54
CA LEU A 397 20.37 25.07 19.25
C LEU A 397 19.12 24.28 18.86
N ARG A 398 18.77 23.31 19.70
CA ARG A 398 17.64 22.45 19.40
C ARG A 398 16.32 23.17 19.69
N LYS A 399 15.23 22.58 19.22
CA LYS A 399 13.88 23.05 19.50
C LYS A 399 13.18 22.07 20.43
N GLN A 400 12.20 22.57 21.16
CA GLN A 400 11.50 21.71 22.12
C GLN A 400 10.56 20.72 21.45
N ARG A 401 10.18 20.96 20.20
CA ARG A 401 9.31 20.05 19.46
C ARG A 401 9.98 19.71 18.15
N THR A 402 10.36 18.44 17.98
CA THR A 402 11.19 18.00 16.86
C THR A 402 10.71 16.64 16.40
N PHE A 403 11.31 16.16 15.31
CA PHE A 403 11.01 14.84 14.76
C PHE A 403 11.32 13.70 15.73
N ASP A 404 12.22 13.89 16.68
CA ASP A 404 12.65 12.84 17.59
C ASP A 404 11.77 12.69 18.83
N ASN A 405 10.74 13.51 18.99
CA ASN A 405 9.82 13.36 20.12
C ASN A 405 8.92 12.13 20.00
N GLY A 406 8.92 11.44 18.86
CA GLY A 406 8.07 10.27 18.66
C GLY A 406 8.40 9.08 19.53
N SER A 407 9.57 9.08 20.17
CA SER A 407 9.95 7.98 21.05
C SER A 407 9.33 8.10 22.44
N ILE A 408 8.72 9.23 22.76
CA ILE A 408 8.17 9.49 24.09
C ILE A 408 6.92 8.66 24.32
N PRO A 409 6.89 7.78 25.32
CA PRO A 409 5.68 7.03 25.61
C PRO A 409 4.71 7.83 26.48
N HIS A 410 3.44 7.46 26.37
CA HIS A 410 2.36 8.16 27.06
C HIS A 410 2.43 8.03 28.58
N GLN A 411 3.22 7.10 29.11
CA GLN A 411 3.34 6.95 30.55
C GLN A 411 3.97 8.17 31.21
N ILE A 412 4.87 8.87 30.52
CA ILE A 412 5.51 10.05 31.09
C ILE A 412 4.51 11.19 31.21
N HIS A 413 3.75 11.43 30.14
CA HIS A 413 2.68 12.42 30.18
C HIS A 413 1.62 12.05 31.21
N LEU A 414 1.35 10.74 31.36
CA LEU A 414 0.41 10.29 32.38
C LEU A 414 0.93 10.58 33.78
N GLY A 415 2.22 10.37 34.00
CA GLY A 415 2.81 10.70 35.29
C GLY A 415 2.75 12.18 35.60
N GLU A 416 3.06 13.01 34.62
CA GLU A 416 3.00 14.46 34.83
C GLU A 416 1.58 14.93 35.08
N LEU A 417 0.61 14.40 34.32
CA LEU A 417 -0.79 14.77 34.52
C LEU A 417 -1.31 14.31 35.88
N HIS A 418 -0.95 13.09 36.29
CA HIS A 418 -1.33 12.60 37.60
C HIS A 418 -0.72 13.44 38.70
N ALA A 419 0.55 13.87 38.53
CA ALA A 419 1.18 14.72 39.52
C ALA A 419 0.49 16.08 39.62
N ILE A 420 0.11 16.66 38.48
CA ILE A 420 -0.59 17.95 38.49
C ILE A 420 -1.93 17.83 39.19
N LEU A 421 -2.69 16.79 38.87
CA LEU A 421 -3.98 16.58 39.53
C LEU A 421 -3.80 16.33 41.02
N ARG A 422 -2.77 15.56 41.40
CA ARG A 422 -2.52 15.27 42.81
C ARG A 422 -2.15 16.53 43.58
N ARG A 423 -1.38 17.43 42.96
CA ARG A 423 -1.02 18.67 43.63
C ARG A 423 -2.21 19.62 43.74
N GLN A 424 -3.01 19.74 42.68
CA GLN A 424 -4.02 20.80 42.61
C GLN A 424 -5.42 20.34 42.99
N GLU A 425 -5.60 19.09 43.41
CA GLU A 425 -6.95 18.63 43.74
C GLU A 425 -7.49 19.28 45.01
N ASP A 426 -6.61 19.70 45.92
CA ASP A 426 -7.08 20.18 47.21
C ASP A 426 -7.74 21.56 47.10
N PHE A 427 -7.36 22.34 46.10
CA PHE A 427 -7.93 23.67 45.94
C PHE A 427 -9.15 23.68 45.04
N TYR A 428 -9.23 22.76 44.09
CA TYR A 428 -10.40 22.62 43.22
C TYR A 428 -11.02 21.25 43.42
N PRO A 429 -12.14 21.16 44.15
CA PRO A 429 -12.71 19.84 44.49
C PRO A 429 -13.16 19.03 43.28
N PHE A 430 -13.64 19.68 42.22
CA PHE A 430 -14.08 18.97 41.03
C PHE A 430 -12.93 18.23 40.37
N LEU A 431 -11.69 18.73 40.53
CA LEU A 431 -10.54 18.05 39.96
C LEU A 431 -10.29 16.72 40.67
N LYS A 432 -10.54 16.67 41.97
CA LYS A 432 -10.44 15.41 42.70
C LYS A 432 -11.62 14.50 42.42
N ASP A 433 -12.80 15.08 42.19
CA ASP A 433 -13.99 14.27 41.99
C ASP A 433 -13.94 13.44 40.70
N ASN A 434 -13.24 13.93 39.67
CA ASN A 434 -13.15 13.19 38.42
C ASN A 434 -11.73 13.18 37.89
N ARG A 435 -10.76 12.86 38.77
CA ARG A 435 -9.40 12.66 38.32
C ARG A 435 -9.29 11.42 37.43
N GLU A 436 -10.03 10.36 37.79
CA GLU A 436 -10.03 9.14 37.00
C GLU A 436 -10.58 9.37 35.60
N LYS A 437 -11.59 10.25 35.48
CA LYS A 437 -12.14 10.58 34.17
C LYS A 437 -11.11 11.24 33.27
N ILE A 438 -10.35 12.20 33.82
CA ILE A 438 -9.35 12.90 33.02
C ILE A 438 -8.22 11.95 32.62
N GLU A 439 -7.75 11.13 33.56
CA GLU A 439 -6.75 10.12 33.22
C GLU A 439 -7.28 9.15 32.17
N LYS A 440 -8.57 8.80 32.25
CA LYS A 440 -9.17 7.93 31.25
C LYS A 440 -9.22 8.58 29.88
N ILE A 441 -9.56 9.87 29.82
CA ILE A 441 -9.46 10.63 28.57
C ILE A 441 -8.05 10.54 28.00
N LEU A 442 -7.05 10.64 28.86
CA LEU A 442 -5.67 10.61 28.37
C LEU A 442 -5.30 9.23 27.84
N THR A 443 -5.64 8.17 28.57
CA THR A 443 -5.03 6.87 28.29
C THR A 443 -5.90 5.96 27.43
N PHE A 444 -7.14 6.33 27.13
CA PHE A 444 -8.03 5.46 26.38
C PHE A 444 -7.66 5.43 24.90
N ARG A 445 -7.54 4.23 24.35
CA ARG A 445 -7.57 4.01 22.92
C ARG A 445 -8.71 3.07 22.57
N ILE A 446 -9.29 3.30 21.40
CA ILE A 446 -10.19 2.29 20.84
C ILE A 446 -9.36 1.07 20.43
N PRO A 447 -9.74 -0.13 20.85
CA PRO A 447 -8.95 -1.31 20.48
C PRO A 447 -8.96 -1.55 18.97
N TYR A 448 -7.84 -2.08 18.47
CA TYR A 448 -7.70 -2.32 17.04
C TYR A 448 -8.70 -3.34 16.52
N TYR A 449 -9.25 -4.18 17.39
CA TYR A 449 -10.24 -5.18 17.00
C TYR A 449 -11.67 -4.68 17.12
N VAL A 450 -11.89 -3.49 17.66
CA VAL A 450 -13.24 -2.94 17.73
C VAL A 450 -13.58 -2.12 16.49
N GLY A 451 -12.59 -1.39 15.95
CA GLY A 451 -12.80 -0.60 14.76
C GLY A 451 -13.62 0.64 15.02
N PRO A 452 -14.07 1.30 13.96
CA PRO A 452 -14.83 2.54 14.12
C PRO A 452 -16.15 2.31 14.84
N LEU A 453 -16.50 3.25 15.71
CA LEU A 453 -17.67 3.13 16.59
C LEU A 453 -18.94 3.62 15.88
N ALA A 454 -19.22 3.01 14.73
CA ALA A 454 -20.32 3.47 13.90
C ALA A 454 -21.66 3.00 14.46
N ARG A 455 -22.74 3.44 13.82
CA ARG A 455 -24.09 3.02 14.14
C ARG A 455 -24.76 2.45 12.90
N GLY A 456 -24.01 1.65 12.14
CA GLY A 456 -24.54 1.02 10.95
C GLY A 456 -24.51 1.87 9.69
N ASN A 457 -23.72 2.93 9.67
CA ASN A 457 -23.61 3.78 8.50
C ASN A 457 -22.22 3.77 7.88
N SER A 458 -21.34 2.89 8.35
CA SER A 458 -19.99 2.76 7.81
C SER A 458 -19.88 1.46 7.03
N ARG A 459 -19.16 1.50 5.91
CA ARG A 459 -18.85 0.29 5.17
C ARG A 459 -17.59 -0.40 5.69
N PHE A 460 -16.93 0.19 6.69
CA PHE A 460 -15.75 -0.40 7.30
C PHE A 460 -16.00 -0.97 8.68
N ALA A 461 -17.05 -0.52 9.36
CA ALA A 461 -17.26 -0.88 10.76
C ALA A 461 -17.75 -2.31 10.92
N TRP A 462 -17.44 -2.88 12.08
CA TRP A 462 -17.94 -4.18 12.49
C TRP A 462 -18.37 -4.20 13.95
N MET A 463 -18.31 -3.07 14.64
CA MET A 463 -18.60 -3.01 16.06
C MET A 463 -20.05 -3.36 16.35
N THR A 464 -20.26 -4.16 17.41
CA THR A 464 -21.58 -4.50 17.89
C THR A 464 -21.72 -3.94 19.31
N ARG A 465 -22.70 -3.07 19.49
CA ARG A 465 -22.90 -2.38 20.77
C ARG A 465 -23.99 -3.04 21.61
N LYS A 466 -23.72 -3.18 22.91
CA LYS A 466 -24.68 -3.80 23.82
C LYS A 466 -25.90 -2.93 24.03
N SER A 467 -25.77 -1.61 23.92
CA SER A 467 -26.82 -0.69 24.31
C SER A 467 -26.84 0.48 23.35
N GLU A 468 -27.99 1.16 23.30
CA GLU A 468 -28.21 2.27 22.37
C GLU A 468 -27.53 3.57 22.83
N GLU A 469 -26.77 3.54 23.92
CA GLU A 469 -26.11 4.72 24.43
C GLU A 469 -25.00 5.20 23.50
N THR A 470 -24.68 6.49 23.61
CA THR A 470 -23.49 7.04 22.96
C THR A 470 -22.24 6.57 23.66
N ILE A 471 -21.25 6.11 22.90
CA ILE A 471 -20.01 5.62 23.46
C ILE A 471 -19.12 6.82 23.84
N THR A 472 -18.45 6.71 24.99
CA THR A 472 -17.53 7.70 25.55
C THR A 472 -16.36 6.90 26.11
N PRO A 473 -15.21 7.50 26.44
CA PRO A 473 -14.13 6.70 27.05
C PRO A 473 -14.52 6.05 28.37
N TRP A 474 -15.41 6.67 29.14
CA TRP A 474 -15.72 6.16 30.48
C TRP A 474 -16.74 5.03 30.42
N ASN A 475 -17.78 5.18 29.60
CA ASN A 475 -18.86 4.20 29.54
C ASN A 475 -18.61 3.10 28.51
N PHE A 476 -17.44 3.13 27.86
CA PHE A 476 -17.09 2.22 26.76
C PHE A 476 -17.32 0.75 27.11
N GLU A 477 -16.84 0.32 28.28
CA GLU A 477 -16.90 -1.10 28.66
C GLU A 477 -18.32 -1.65 28.72
N GLU A 478 -19.26 -0.89 29.29
CA GLU A 478 -20.65 -1.34 29.38
C GLU A 478 -21.50 -1.03 28.15
N VAL A 479 -20.92 -0.58 27.03
CA VAL A 479 -21.75 -0.26 25.87
C VAL A 479 -21.38 -1.08 24.64
N VAL A 480 -20.11 -1.44 24.49
CA VAL A 480 -19.69 -2.27 23.37
C VAL A 480 -19.46 -3.70 23.85
N ASP A 481 -20.00 -4.66 23.09
CA ASP A 481 -19.78 -6.09 23.30
C ASP A 481 -18.42 -6.40 22.70
N LYS A 482 -17.39 -6.34 23.55
CA LYS A 482 -16.01 -6.58 23.10
C LYS A 482 -15.84 -7.97 22.49
N GLY A 483 -16.50 -8.98 23.08
CA GLY A 483 -16.38 -10.34 22.56
C GLY A 483 -16.92 -10.49 21.15
N ALA A 484 -18.17 -10.07 20.94
CA ALA A 484 -18.78 -10.15 19.63
C ALA A 484 -18.03 -9.30 18.60
N SER A 485 -17.58 -8.11 19.02
CA SER A 485 -16.84 -7.24 18.11
C SER A 485 -15.49 -7.84 17.71
N ALA A 486 -14.77 -8.46 18.64
CA ALA A 486 -13.52 -9.11 18.28
C ALA A 486 -13.75 -10.33 17.39
N GLN A 487 -14.81 -11.08 17.66
CA GLN A 487 -15.16 -12.22 16.81
C GLN A 487 -15.48 -11.76 15.40
N SER A 488 -16.29 -10.70 15.28
CA SER A 488 -16.59 -10.14 13.96
C SER A 488 -15.33 -9.55 13.31
N PHE A 489 -14.40 -9.04 14.12
CA PHE A 489 -13.14 -8.54 13.58
C PHE A 489 -12.32 -9.64 12.94
N ILE A 490 -12.39 -10.85 13.47
CA ILE A 490 -11.63 -11.92 12.83
C ILE A 490 -12.44 -12.55 11.69
N GLU A 491 -13.73 -12.80 11.93
CA GLU A 491 -14.56 -13.58 11.02
C GLU A 491 -14.76 -12.91 9.66
N ARG A 492 -14.76 -11.57 9.60
CA ARG A 492 -14.89 -10.90 8.30
C ARG A 492 -13.66 -11.07 7.42
N MET A 493 -12.49 -11.35 7.98
CA MET A 493 -11.29 -11.47 7.17
C MET A 493 -11.04 -12.90 6.69
N THR A 494 -11.23 -13.90 7.57
CA THR A 494 -11.14 -15.29 7.15
C THR A 494 -12.04 -15.58 5.96
N ASN A 495 -11.51 -16.34 5.01
CA ASN A 495 -12.20 -16.59 3.75
C ASN A 495 -12.86 -17.96 3.79
N PHE A 496 -13.92 -18.09 3.00
CA PHE A 496 -14.59 -19.37 2.86
C PHE A 496 -13.73 -20.30 2.01
N ASP A 497 -14.05 -21.60 2.07
CA ASP A 497 -13.35 -22.53 1.20
C ASP A 497 -13.82 -22.39 -0.24
N LYS A 498 -12.98 -22.85 -1.17
CA LYS A 498 -13.31 -22.77 -2.59
C LYS A 498 -14.39 -23.75 -3.00
N ASN A 499 -14.79 -24.68 -2.14
CA ASN A 499 -15.74 -25.72 -2.52
C ASN A 499 -17.17 -25.47 -2.02
N LEU A 500 -17.34 -24.86 -0.85
CA LEU A 500 -18.67 -24.56 -0.32
C LEU A 500 -18.58 -23.18 0.32
N PRO A 501 -19.06 -22.14 -0.36
CA PRO A 501 -18.94 -20.75 0.12
C PRO A 501 -20.04 -20.31 1.09
N ASN A 502 -20.32 -21.15 2.10
CA ASN A 502 -21.27 -20.76 3.13
C ASN A 502 -20.84 -21.12 4.55
N GLU A 503 -19.71 -21.79 4.75
CA GLU A 503 -19.25 -22.19 6.07
C GLU A 503 -17.83 -21.70 6.32
N LYS A 504 -17.60 -21.19 7.53
CA LYS A 504 -16.29 -20.71 7.91
C LYS A 504 -15.29 -21.85 8.07
N VAL A 505 -14.07 -21.62 7.56
CA VAL A 505 -13.02 -22.63 7.64
C VAL A 505 -12.54 -22.79 9.08
N LEU A 506 -11.87 -23.91 9.33
CA LEU A 506 -11.30 -24.21 10.63
C LEU A 506 -9.97 -23.48 10.84
N PRO A 507 -9.53 -23.36 12.09
CA PRO A 507 -8.12 -23.06 12.34
C PRO A 507 -7.19 -24.14 11.83
N LYS A 508 -5.95 -23.75 11.52
CA LYS A 508 -4.94 -24.71 11.10
C LYS A 508 -4.64 -25.72 12.21
N HIS A 509 -4.80 -25.31 13.47
CA HIS A 509 -4.56 -26.18 14.61
C HIS A 509 -5.82 -26.91 15.06
N SER A 510 -6.90 -26.82 14.30
CA SER A 510 -8.09 -27.62 14.60
C SER A 510 -7.78 -29.10 14.49
N LEU A 511 -8.28 -29.87 15.47
CA LEU A 511 -7.99 -31.31 15.54
C LEU A 511 -8.54 -32.05 14.32
N LEU A 512 -9.77 -31.72 13.88
CA LEU A 512 -10.31 -32.28 12.64
C LEU A 512 -9.41 -32.02 11.44
N TYR A 513 -8.73 -30.87 11.42
CA TYR A 513 -7.82 -30.62 10.31
C TYR A 513 -6.58 -31.49 10.44
N GLU A 514 -6.20 -31.89 11.66
CA GLU A 514 -5.16 -32.92 11.79
C GLU A 514 -5.62 -34.30 11.33
N TYR A 515 -6.88 -34.70 11.60
CA TYR A 515 -7.33 -35.95 10.98
C TYR A 515 -7.47 -35.84 9.47
N PHE A 516 -7.52 -34.64 8.90
CA PHE A 516 -7.15 -34.55 7.48
C PHE A 516 -5.65 -34.75 7.27
N THR A 517 -4.84 -34.00 8.02
CA THR A 517 -3.46 -33.75 7.64
C THR A 517 -2.59 -34.99 7.76
N VAL A 518 -2.59 -35.61 8.94
CA VAL A 518 -1.58 -36.64 9.23
C VAL A 518 -1.82 -37.92 8.43
N TYR A 519 -3.07 -38.19 8.01
CA TYR A 519 -3.32 -39.31 7.11
C TYR A 519 -3.40 -38.93 5.63
N ASN A 520 -3.56 -37.65 5.28
CA ASN A 520 -3.65 -37.28 3.87
C ASN A 520 -2.37 -37.60 3.10
N GLU A 521 -1.21 -37.23 3.64
CA GLU A 521 0.05 -37.56 2.98
C GLU A 521 0.35 -39.05 3.09
N LEU A 522 0.07 -39.63 4.26
CA LEU A 522 0.30 -41.05 4.51
C LEU A 522 -0.57 -41.97 3.67
N THR A 523 -1.68 -41.46 3.12
CA THR A 523 -2.55 -42.24 2.25
C THR A 523 -1.84 -42.68 0.97
N LYS A 524 -1.08 -41.79 0.35
CA LYS A 524 -0.45 -42.08 -0.93
C LYS A 524 1.01 -42.50 -0.81
N VAL A 525 1.50 -42.68 0.41
CA VAL A 525 2.81 -43.30 0.62
C VAL A 525 2.66 -44.80 0.46
N LYS A 526 3.66 -45.45 -0.13
CA LYS A 526 3.66 -46.89 -0.35
C LYS A 526 4.78 -47.53 0.46
N TYR A 527 4.58 -48.79 0.85
CA TYR A 527 5.63 -49.60 1.45
C TYR A 527 5.91 -50.78 0.53
N VAL A 528 7.15 -50.90 0.08
CA VAL A 528 7.56 -51.87 -0.94
C VAL A 528 8.77 -52.61 -0.39
N THR A 529 8.62 -53.93 -0.19
CA THR A 529 9.64 -54.68 0.54
C THR A 529 9.50 -56.16 0.18
N GLU A 530 10.23 -57.00 0.93
CA GLU A 530 10.33 -58.43 0.64
C GLU A 530 9.00 -59.16 0.81
N GLY A 531 8.09 -58.61 1.63
CA GLY A 531 6.86 -59.31 1.98
C GLY A 531 5.90 -59.57 0.83
N MET A 532 6.03 -58.83 -0.26
CA MET A 532 5.14 -59.02 -1.40
C MET A 532 5.88 -58.70 -2.69
N ARG A 533 5.31 -59.17 -3.80
CA ARG A 533 5.83 -58.89 -5.13
C ARG A 533 5.28 -57.62 -5.77
N LYS A 534 4.33 -56.94 -5.12
CA LYS A 534 3.71 -55.76 -5.70
C LYS A 534 3.61 -54.66 -4.66
N PRO A 535 3.77 -53.39 -5.08
CA PRO A 535 3.63 -52.28 -4.12
C PRO A 535 2.21 -52.17 -3.60
N ALA A 536 2.09 -51.88 -2.31
CA ALA A 536 0.80 -51.68 -1.67
C ALA A 536 0.83 -50.42 -0.82
N PHE A 537 -0.27 -49.69 -0.83
CA PHE A 537 -0.50 -48.60 0.10
C PHE A 537 -0.63 -49.14 1.52
N LEU A 538 -0.31 -48.29 2.51
CA LEU A 538 -0.55 -48.67 3.90
C LEU A 538 -2.03 -48.88 4.16
N SER A 539 -2.34 -49.95 4.88
CA SER A 539 -3.70 -50.19 5.33
C SER A 539 -4.11 -49.16 6.38
N GLY A 540 -5.41 -49.08 6.64
CA GLY A 540 -5.89 -48.21 7.71
C GLY A 540 -5.38 -48.64 9.06
N GLU A 541 -5.26 -49.95 9.28
CA GLU A 541 -4.64 -50.45 10.51
C GLU A 541 -3.16 -50.06 10.58
N GLN A 542 -2.44 -50.16 9.46
CA GLN A 542 -1.03 -49.77 9.46
C GLN A 542 -0.89 -48.26 9.58
N LYS A 543 -1.80 -47.49 8.98
CA LYS A 543 -1.80 -46.04 9.14
C LYS A 543 -2.04 -45.64 10.59
N LYS A 544 -2.98 -46.32 11.25
CA LYS A 544 -3.21 -46.11 12.68
C LYS A 544 -1.97 -46.46 13.49
N ALA A 545 -1.27 -47.53 13.10
CA ALA A 545 -0.08 -47.94 13.85
C ALA A 545 1.07 -46.94 13.72
N ILE A 546 1.37 -46.48 12.49
CA ILE A 546 2.44 -45.49 12.32
C ILE A 546 2.06 -44.18 13.01
N VAL A 547 0.77 -43.81 12.99
CA VAL A 547 0.33 -42.62 13.73
C VAL A 547 0.56 -42.81 15.22
N ASP A 548 0.13 -43.96 15.77
CA ASP A 548 0.19 -44.20 17.21
C ASP A 548 1.63 -44.29 17.71
N LEU A 549 2.53 -44.81 16.89
CA LEU A 549 3.92 -44.98 17.30
C LEU A 549 4.80 -43.80 16.90
N LEU A 550 4.84 -43.49 15.60
CA LEU A 550 5.76 -42.47 15.11
C LEU A 550 5.20 -41.06 15.30
N PHE A 551 4.05 -40.77 14.69
CA PHE A 551 3.49 -39.42 14.74
C PHE A 551 2.99 -39.03 16.12
N LYS A 552 2.65 -40.00 16.98
CA LYS A 552 2.31 -39.68 18.36
C LYS A 552 3.54 -39.59 19.26
N THR A 553 4.74 -39.67 18.70
CA THR A 553 5.96 -39.31 19.41
C THR A 553 6.79 -38.25 18.70
N ASN A 554 6.53 -37.97 17.42
CA ASN A 554 7.27 -36.95 16.68
C ASN A 554 6.27 -36.15 15.86
N ARG A 555 6.38 -34.82 15.94
CA ARG A 555 5.44 -33.95 15.25
C ARG A 555 5.61 -34.04 13.74
N LYS A 556 6.85 -34.01 13.26
CA LYS A 556 7.15 -33.75 11.86
C LYS A 556 7.34 -35.06 11.11
N VAL A 557 6.72 -35.17 9.93
CA VAL A 557 6.99 -36.30 9.05
C VAL A 557 8.45 -36.27 8.61
N THR A 558 9.12 -37.41 8.75
CA THR A 558 10.55 -37.51 8.44
C THR A 558 10.81 -38.95 7.99
N VAL A 559 11.38 -39.11 6.79
CA VAL A 559 11.42 -40.43 6.19
C VAL A 559 12.53 -41.29 6.78
N LYS A 560 13.56 -40.68 7.39
CA LYS A 560 14.61 -41.45 8.05
C LYS A 560 14.05 -42.24 9.22
N GLN A 561 13.35 -41.55 10.13
CA GLN A 561 12.73 -42.24 11.25
C GLN A 561 11.53 -43.07 10.82
N LEU A 562 10.94 -42.75 9.67
CA LEU A 562 9.90 -43.61 9.09
C LEU A 562 10.49 -44.96 8.70
N LYS A 563 11.69 -44.97 8.14
CA LYS A 563 12.38 -46.23 7.88
C LYS A 563 12.76 -46.92 9.20
N GLU A 564 13.57 -46.26 10.03
CA GLU A 564 14.21 -46.93 11.16
C GLU A 564 13.37 -46.94 12.43
N ASP A 565 12.06 -46.67 12.35
CA ASP A 565 11.19 -46.84 13.51
C ASP A 565 10.20 -47.98 13.31
N TYR A 566 9.38 -47.93 12.28
CA TYR A 566 8.33 -48.92 12.11
C TYR A 566 8.81 -50.17 11.39
N PHE A 567 9.46 -50.00 10.23
CA PHE A 567 9.73 -51.10 9.32
C PHE A 567 10.98 -51.89 9.69
N LYS A 568 11.61 -51.58 10.82
CA LYS A 568 12.56 -52.48 11.46
C LYS A 568 12.08 -52.90 12.85
N LYS A 569 10.80 -52.76 13.12
CA LYS A 569 10.22 -53.20 14.39
C LYS A 569 8.85 -53.83 14.17
N SER A 588 0.72 -33.66 10.46
CA SER A 588 1.35 -33.43 11.76
C SER A 588 0.34 -33.50 12.88
N LEU A 589 0.82 -33.66 14.11
CA LEU A 589 0.00 -33.73 15.30
C LEU A 589 0.51 -32.78 16.38
N GLY A 590 0.94 -31.59 15.97
CA GLY A 590 1.54 -30.65 16.92
C GLY A 590 0.56 -30.18 17.98
N THR A 591 -0.69 -29.95 17.59
CA THR A 591 -1.72 -29.59 18.57
C THR A 591 -1.94 -30.73 19.55
N TYR A 592 -1.90 -31.97 19.06
CA TYR A 592 -2.04 -33.14 19.92
C TYR A 592 -0.87 -33.24 20.88
N HIS A 593 0.35 -32.99 20.39
CA HIS A 593 1.54 -33.12 21.24
C HIS A 593 1.56 -32.04 22.32
N ASP A 594 1.21 -30.80 21.97
CA ASP A 594 1.16 -29.73 22.96
C ASP A 594 0.06 -30.02 23.97
N LEU A 595 -1.11 -30.45 23.50
CA LEU A 595 -2.22 -30.68 24.41
C LEU A 595 -1.97 -31.92 25.28
N LEU A 596 -1.14 -32.87 24.81
CA LEU A 596 -0.69 -34.00 25.61
C LEU A 596 0.47 -33.67 26.55
N LYS A 597 1.19 -32.58 26.32
CA LYS A 597 2.14 -32.14 27.33
C LYS A 597 1.54 -31.09 28.26
N ILE A 598 0.28 -30.72 28.06
CA ILE A 598 -0.40 -29.85 29.01
C ILE A 598 -1.37 -30.59 29.92
N ILE A 599 -2.42 -31.20 29.35
CA ILE A 599 -3.34 -31.98 30.16
C ILE A 599 -2.70 -33.29 30.62
N LYS A 600 -1.80 -33.85 29.81
CA LYS A 600 -1.05 -35.07 30.11
C LYS A 600 -1.97 -36.28 30.31
N ASP A 601 -3.12 -36.27 29.64
CA ASP A 601 -4.04 -37.39 29.62
C ASP A 601 -4.29 -37.76 28.16
N LYS A 602 -3.96 -38.99 27.79
CA LYS A 602 -4.16 -39.44 26.42
C LYS A 602 -5.61 -39.85 26.14
N ASP A 603 -6.36 -40.22 27.18
CA ASP A 603 -7.75 -40.61 27.02
C ASP A 603 -8.61 -39.47 26.49
N PHE A 604 -8.57 -38.32 27.16
CA PHE A 604 -9.38 -37.16 26.80
C PHE A 604 -9.06 -36.62 25.41
N LEU A 605 -7.87 -36.93 24.87
CA LEU A 605 -7.49 -36.54 23.53
C LEU A 605 -7.94 -37.56 22.49
N ASP A 606 -7.78 -38.85 22.80
CA ASP A 606 -8.29 -39.90 21.93
C ASP A 606 -9.81 -39.99 21.96
N ASN A 607 -10.48 -39.32 22.90
CA ASN A 607 -11.93 -39.30 22.94
C ASN A 607 -12.43 -38.36 21.84
N GLU A 608 -13.23 -38.90 20.93
CA GLU A 608 -13.81 -38.12 19.84
C GLU A 608 -15.26 -37.73 20.09
N GLU A 609 -15.92 -38.34 21.08
CA GLU A 609 -17.31 -38.02 21.37
C GLU A 609 -17.45 -36.58 21.87
N ASN A 610 -16.46 -36.08 22.59
CA ASN A 610 -16.49 -34.74 23.17
C ASN A 610 -15.78 -33.70 22.32
N GLU A 611 -15.41 -34.04 21.07
CA GLU A 611 -14.42 -33.25 20.35
C GLU A 611 -14.96 -31.90 19.88
N ASP A 612 -16.28 -31.71 19.87
CA ASP A 612 -16.83 -30.42 19.46
C ASP A 612 -16.49 -29.32 20.46
N ILE A 613 -16.51 -29.63 21.76
CA ILE A 613 -16.11 -28.65 22.76
C ILE A 613 -14.62 -28.37 22.68
N LEU A 614 -13.82 -29.39 22.38
CA LEU A 614 -12.39 -29.16 22.16
C LEU A 614 -12.14 -28.27 20.96
N GLU A 615 -12.93 -28.43 19.89
CA GLU A 615 -12.82 -27.50 18.77
C GLU A 615 -13.32 -26.11 19.11
N ASP A 616 -14.27 -25.99 20.05
CA ASP A 616 -14.64 -24.66 20.54
C ASP A 616 -13.46 -24.00 21.26
N ILE A 617 -12.75 -24.74 22.10
CA ILE A 617 -11.51 -24.24 22.70
C ILE A 617 -10.49 -23.86 21.64
N VAL A 618 -10.27 -24.71 20.63
CA VAL A 618 -9.30 -24.41 19.58
C VAL A 618 -9.71 -23.14 18.81
N LEU A 619 -11.00 -23.01 18.50
CA LEU A 619 -11.52 -21.81 17.86
C LEU A 619 -11.25 -20.57 18.71
N THR A 620 -11.47 -20.66 20.02
CA THR A 620 -11.29 -19.48 20.87
C THR A 620 -9.81 -19.09 20.96
N LEU A 621 -8.92 -20.07 21.16
CA LEU A 621 -7.50 -19.77 21.18
C LEU A 621 -6.94 -19.39 19.81
N THR A 622 -7.69 -19.63 18.74
CA THR A 622 -7.26 -19.09 17.45
C THR A 622 -7.80 -17.68 17.20
N LEU A 623 -9.02 -17.39 17.63
CA LEU A 623 -9.63 -16.07 17.39
C LEU A 623 -8.97 -14.98 18.23
N PHE A 624 -8.80 -15.22 19.53
CA PHE A 624 -8.49 -14.17 20.49
C PHE A 624 -7.05 -14.24 20.99
N GLU A 625 -6.46 -13.06 21.21
CA GLU A 625 -5.14 -12.90 21.84
C GLU A 625 -5.10 -12.08 23.11
N ASP A 626 -6.03 -11.17 23.34
CA ASP A 626 -6.05 -10.51 24.62
C ASP A 626 -6.63 -11.46 25.67
N ARG A 627 -5.91 -11.64 26.78
CA ARG A 627 -6.16 -12.76 27.69
C ARG A 627 -7.50 -12.67 28.43
N GLU A 628 -7.93 -11.49 28.89
CA GLU A 628 -9.19 -11.51 29.64
C GLU A 628 -10.37 -11.83 28.72
N MET A 629 -10.25 -11.54 27.41
CA MET A 629 -11.24 -12.03 26.44
C MET A 629 -11.20 -13.55 26.36
N ILE A 630 -10.02 -14.14 26.54
CA ILE A 630 -9.92 -15.59 26.62
C ILE A 630 -10.71 -16.10 27.82
N GLU A 631 -10.57 -15.43 28.98
CA GLU A 631 -11.40 -15.82 30.14
C GLU A 631 -12.89 -15.69 29.86
N GLU A 632 -13.31 -14.66 29.11
CA GLU A 632 -14.74 -14.54 28.78
C GLU A 632 -15.21 -15.72 27.95
N ARG A 633 -14.41 -16.16 26.98
CA ARG A 633 -14.82 -17.33 26.22
C ARG A 633 -14.70 -18.63 27.02
N LEU A 634 -13.78 -18.74 27.97
CA LEU A 634 -13.66 -19.99 28.73
C LEU A 634 -14.59 -20.12 29.93
N LYS A 635 -15.30 -19.06 30.37
CA LYS A 635 -16.12 -19.18 31.59
C LYS A 635 -17.06 -20.38 31.58
N THR A 636 -17.61 -20.71 30.40
CA THR A 636 -18.54 -21.83 30.29
C THR A 636 -17.91 -23.20 30.46
N TYR A 637 -16.57 -23.29 30.54
CA TYR A 637 -15.89 -24.57 30.64
C TYR A 637 -15.05 -24.70 31.90
N ALA A 638 -15.34 -23.89 32.93
CA ALA A 638 -14.58 -23.96 34.17
C ALA A 638 -14.80 -25.27 34.92
N HIS A 639 -15.96 -25.91 34.73
CA HIS A 639 -16.27 -27.14 35.45
C HIS A 639 -15.51 -28.37 34.94
N LEU A 640 -14.86 -28.29 33.78
CA LEU A 640 -14.15 -29.44 33.23
C LEU A 640 -12.72 -29.55 33.74
N PHE A 641 -12.11 -28.46 34.19
CA PHE A 641 -10.69 -28.45 34.47
C PHE A 641 -10.39 -27.51 35.63
N ASP A 642 -9.21 -27.65 36.20
CA ASP A 642 -8.81 -26.83 37.33
C ASP A 642 -8.12 -25.56 36.87
N ASP A 643 -8.08 -24.57 37.77
CA ASP A 643 -7.83 -23.18 37.39
C ASP A 643 -6.44 -22.96 36.81
N LYS A 644 -5.43 -23.66 37.35
CA LYS A 644 -4.05 -23.46 36.91
C LYS A 644 -3.85 -23.85 35.45
N VAL A 645 -4.62 -24.82 34.94
CA VAL A 645 -4.44 -25.17 33.55
C VAL A 645 -5.18 -24.18 32.65
N MET A 646 -6.22 -23.49 33.16
CA MET A 646 -6.73 -22.32 32.44
C MET A 646 -5.70 -21.20 32.39
N LYS A 647 -4.93 -20.99 33.47
CA LYS A 647 -3.83 -20.03 33.37
C LYS A 647 -2.79 -20.45 32.35
N GLN A 648 -2.55 -21.76 32.18
CA GLN A 648 -1.64 -22.12 31.09
C GLN A 648 -2.29 -21.83 29.74
N LEU A 649 -3.61 -22.07 29.62
CA LEU A 649 -4.30 -21.87 28.33
C LEU A 649 -4.22 -20.42 27.88
N LYS A 650 -4.20 -19.48 28.84
CA LYS A 650 -4.00 -18.08 28.48
C LYS A 650 -2.69 -17.89 27.70
N ARG A 651 -1.64 -18.60 28.10
CA ARG A 651 -0.32 -18.43 27.52
C ARG A 651 -0.14 -19.11 26.16
N ARG A 652 -0.98 -20.11 25.83
CA ARG A 652 -0.92 -20.76 24.53
C ARG A 652 -1.76 -19.95 23.54
N ARG A 653 -1.19 -19.70 22.36
CA ARG A 653 -1.78 -18.95 21.26
C ARG A 653 -1.63 -19.71 19.95
N TYR A 654 -2.70 -19.77 19.16
CA TYR A 654 -2.70 -20.46 17.88
C TYR A 654 -2.81 -19.44 16.77
N THR A 655 -2.08 -19.69 15.67
CA THR A 655 -2.12 -18.88 14.47
C THR A 655 -2.40 -19.78 13.28
N GLY A 656 -2.71 -19.15 12.14
CA GLY A 656 -2.95 -19.89 10.92
C GLY A 656 -4.33 -20.49 10.83
N TRP A 657 -4.92 -20.46 9.64
CA TRP A 657 -6.25 -20.99 9.41
C TRP A 657 -6.22 -22.08 8.33
N GLY A 658 -7.23 -22.96 8.41
CA GLY A 658 -7.32 -24.07 7.49
C GLY A 658 -7.85 -23.66 6.13
N ARG A 659 -7.62 -24.56 5.17
CA ARG A 659 -7.96 -24.34 3.77
C ARG A 659 -9.34 -24.86 3.40
N LEU A 660 -10.04 -25.55 4.30
CA LEU A 660 -11.33 -26.12 3.93
C LEU A 660 -12.24 -26.23 5.16
N SER A 661 -13.52 -26.43 4.88
CA SER A 661 -14.63 -26.23 5.80
C SER A 661 -15.02 -27.49 6.58
N ARG A 662 -15.75 -27.25 7.68
CA ARG A 662 -16.16 -28.32 8.59
C ARG A 662 -17.17 -29.27 7.96
N LYS A 663 -18.02 -28.77 7.06
CA LYS A 663 -18.92 -29.65 6.33
C LYS A 663 -18.15 -30.68 5.50
N LEU A 664 -17.10 -30.23 4.83
CA LEU A 664 -16.24 -31.13 4.06
C LEU A 664 -15.41 -32.00 5.00
N ILE A 665 -15.15 -31.53 6.23
CA ILE A 665 -14.48 -32.36 7.24
C ILE A 665 -15.28 -33.62 7.51
N ASN A 666 -16.50 -33.44 8.05
CA ASN A 666 -17.23 -34.58 8.60
C ASN A 666 -18.67 -34.64 8.10
N GLY A 667 -19.25 -33.47 7.82
CA GLY A 667 -20.69 -33.39 7.66
C GLY A 667 -21.21 -34.05 6.38
N ILE A 668 -20.39 -34.09 5.34
CA ILE A 668 -20.89 -34.53 4.03
C ILE A 668 -20.85 -36.05 3.94
N ARG A 669 -21.92 -36.69 4.39
CA ARG A 669 -22.05 -38.14 4.32
C ARG A 669 -22.16 -38.60 2.87
N ASP A 670 -21.46 -39.67 2.53
CA ASP A 670 -21.53 -40.23 1.19
C ASP A 670 -22.61 -41.30 1.13
N LYS A 671 -22.87 -41.79 -0.09
CA LYS A 671 -23.89 -42.79 -0.34
C LYS A 671 -23.30 -44.15 -0.72
N GLN A 672 -22.02 -44.36 -0.48
CA GLN A 672 -21.38 -45.61 -0.89
C GLN A 672 -20.81 -46.41 0.27
N SER A 673 -20.15 -45.75 1.23
CA SER A 673 -19.50 -46.44 2.32
C SER A 673 -19.84 -45.89 3.71
N GLY A 674 -20.59 -44.80 3.79
CA GLY A 674 -20.73 -44.10 5.06
C GLY A 674 -19.42 -43.53 5.55
N LYS A 675 -18.57 -43.08 4.63
CA LYS A 675 -17.21 -42.65 4.92
C LYS A 675 -16.94 -41.33 4.20
N THR A 676 -16.87 -40.24 4.96
CA THR A 676 -16.40 -38.97 4.41
C THR A 676 -14.88 -39.11 4.17
N ILE A 677 -14.30 -38.11 3.48
CA ILE A 677 -12.91 -38.16 3.00
C ILE A 677 -11.95 -38.56 4.12
N LEU A 678 -12.06 -37.89 5.28
CA LEU A 678 -11.13 -38.20 6.38
C LEU A 678 -11.37 -39.59 6.95
N ASP A 679 -12.59 -40.13 6.87
CA ASP A 679 -12.81 -41.52 7.25
C ASP A 679 -12.08 -42.45 6.30
N PHE A 680 -12.04 -42.09 5.01
CA PHE A 680 -11.32 -42.88 4.01
C PHE A 680 -9.82 -42.81 4.27
N LEU A 681 -9.31 -41.61 4.59
CA LEU A 681 -7.90 -41.42 4.91
C LEU A 681 -7.51 -42.17 6.17
N LYS A 682 -8.38 -42.17 7.18
CA LYS A 682 -8.17 -42.95 8.39
C LYS A 682 -8.06 -44.43 8.07
N SER A 683 -9.04 -44.97 7.34
CA SER A 683 -9.12 -46.41 7.11
C SER A 683 -9.76 -46.63 5.74
N ASP A 684 -8.92 -46.96 4.76
CA ASP A 684 -9.36 -47.55 3.51
C ASP A 684 -8.81 -48.96 3.29
N GLY A 685 -7.89 -49.42 4.13
CA GLY A 685 -7.16 -50.63 3.86
C GLY A 685 -6.28 -50.47 2.64
N PHE A 686 -6.49 -51.32 1.64
CA PHE A 686 -5.82 -51.14 0.36
C PHE A 686 -6.71 -50.33 -0.59
N ALA A 687 -6.14 -49.99 -1.75
CA ALA A 687 -6.71 -49.03 -2.70
C ALA A 687 -7.00 -47.69 -2.02
N ASN A 688 -5.95 -47.14 -1.42
CA ASN A 688 -6.05 -45.87 -0.71
C ASN A 688 -6.40 -44.74 -1.67
N ARG A 689 -7.38 -43.92 -1.27
CA ARG A 689 -7.84 -42.77 -2.05
C ARG A 689 -7.52 -41.49 -1.28
N ASN A 690 -6.88 -40.54 -1.96
CA ASN A 690 -6.56 -39.26 -1.34
C ASN A 690 -7.72 -38.27 -1.46
N PHE A 691 -7.58 -37.16 -0.73
CA PHE A 691 -8.58 -36.09 -0.68
C PHE A 691 -8.99 -35.61 -2.08
N MET A 692 -8.00 -35.25 -2.91
CA MET A 692 -8.32 -34.66 -4.20
C MET A 692 -8.96 -35.67 -5.15
N GLN A 693 -8.51 -36.94 -5.12
CA GLN A 693 -9.17 -37.96 -5.94
C GLN A 693 -10.61 -38.20 -5.47
N LEU A 694 -10.84 -38.22 -4.17
CA LEU A 694 -12.19 -38.44 -3.65
C LEU A 694 -13.14 -37.32 -4.05
N ILE A 695 -12.70 -36.07 -3.92
CA ILE A 695 -13.58 -34.97 -4.31
C ILE A 695 -13.67 -34.79 -5.83
N HIS A 696 -12.68 -35.28 -6.59
CA HIS A 696 -12.77 -35.28 -8.05
C HIS A 696 -13.58 -36.44 -8.59
N ASP A 697 -14.03 -37.36 -7.73
CA ASP A 697 -14.79 -38.51 -8.15
C ASP A 697 -16.29 -38.23 -8.05
N ASP A 698 -17.03 -38.70 -9.05
CA ASP A 698 -18.47 -38.55 -9.14
C ASP A 698 -19.17 -39.87 -8.81
N SER A 699 -18.56 -41.00 -9.16
CA SER A 699 -19.08 -42.31 -8.77
C SER A 699 -19.16 -42.46 -7.24
N LEU A 700 -18.32 -41.74 -6.51
CA LEU A 700 -18.57 -41.44 -5.11
C LEU A 700 -19.21 -40.07 -5.00
N THR A 701 -20.23 -39.95 -4.14
CA THR A 701 -21.18 -38.85 -4.21
C THR A 701 -20.62 -37.58 -3.52
N PHE A 702 -19.45 -37.15 -3.99
CA PHE A 702 -18.86 -35.89 -3.54
C PHE A 702 -18.84 -34.81 -4.61
N LYS A 703 -18.64 -35.17 -5.88
CA LYS A 703 -18.49 -34.18 -6.94
C LYS A 703 -19.79 -33.42 -7.18
N GLU A 704 -20.91 -34.14 -7.26
CA GLU A 704 -22.21 -33.47 -7.44
C GLU A 704 -22.62 -32.68 -6.21
N ASP A 705 -22.14 -33.07 -5.03
CA ASP A 705 -22.31 -32.24 -3.84
C ASP A 705 -21.58 -30.92 -3.99
N ILE A 706 -20.36 -30.96 -4.54
CA ILE A 706 -19.61 -29.73 -4.80
C ILE A 706 -20.32 -28.90 -5.86
N GLN A 707 -20.93 -29.56 -6.85
CA GLN A 707 -21.64 -28.84 -7.91
C GLN A 707 -22.89 -28.13 -7.37
N LYS A 708 -23.70 -28.84 -6.58
CA LYS A 708 -24.86 -28.20 -5.97
C LYS A 708 -24.48 -27.21 -4.88
N ALA A 709 -23.25 -27.29 -4.37
CA ALA A 709 -22.80 -26.32 -3.38
C ALA A 709 -22.62 -24.93 -3.98
N GLN A 710 -22.25 -24.85 -5.25
CA GLN A 710 -22.02 -23.58 -5.93
C GLN A 710 -23.29 -22.76 -6.06
N ASP A 716 -24.84 -11.64 -11.26
CA ASP A 716 -25.66 -10.73 -12.05
C ASP A 716 -24.91 -9.44 -12.30
N SER A 717 -23.59 -9.46 -12.03
CA SER A 717 -22.75 -8.29 -12.21
C SER A 717 -21.31 -8.77 -12.38
N LEU A 718 -20.70 -8.44 -13.52
CA LEU A 718 -19.27 -8.68 -13.73
C LEU A 718 -18.41 -7.96 -12.69
N HIS A 719 -18.84 -6.79 -12.24
CA HIS A 719 -18.05 -5.98 -11.30
C HIS A 719 -17.85 -6.72 -9.97
N GLU A 720 -18.93 -7.28 -9.41
CA GLU A 720 -18.75 -8.13 -8.24
C GLU A 720 -18.04 -9.43 -8.61
N HIS A 721 -18.32 -9.98 -9.80
CA HIS A 721 -17.69 -11.20 -10.26
C HIS A 721 -16.19 -11.07 -10.49
N ILE A 722 -15.63 -9.88 -10.39
CA ILE A 722 -14.19 -9.69 -10.25
C ILE A 722 -13.78 -9.07 -8.92
N ALA A 723 -14.69 -8.42 -8.19
CA ALA A 723 -14.33 -7.64 -7.01
C ALA A 723 -13.75 -8.50 -5.89
N ASN A 724 -14.44 -9.57 -5.49
CA ASN A 724 -13.92 -10.44 -4.44
C ASN A 724 -12.80 -11.34 -4.90
N LEU A 725 -12.52 -11.40 -6.20
CA LEU A 725 -11.40 -12.15 -6.73
C LEU A 725 -10.09 -11.41 -6.48
N ALA A 726 -8.99 -12.17 -6.43
CA ALA A 726 -7.69 -11.60 -6.14
C ALA A 726 -7.17 -10.85 -7.36
N GLY A 727 -6.30 -9.89 -7.10
CA GLY A 727 -5.68 -9.15 -8.19
C GLY A 727 -5.17 -7.80 -7.75
N SER A 728 -4.07 -7.34 -8.35
CA SER A 728 -3.59 -5.99 -8.08
C SER A 728 -4.58 -4.96 -8.62
N PRO A 729 -4.72 -3.82 -7.94
CA PRO A 729 -5.70 -2.81 -8.39
C PRO A 729 -5.40 -2.24 -9.77
N ALA A 730 -4.13 -2.20 -10.17
CA ALA A 730 -3.77 -1.72 -11.50
C ALA A 730 -4.25 -2.69 -12.58
N ILE A 731 -4.00 -3.98 -12.39
CA ILE A 731 -4.23 -4.97 -13.43
C ILE A 731 -5.73 -5.23 -13.62
N LYS A 732 -6.51 -5.10 -12.53
CA LYS A 732 -7.94 -5.35 -12.60
C LYS A 732 -8.65 -4.40 -13.56
N LYS A 733 -8.20 -3.14 -13.58
CA LYS A 733 -8.65 -2.18 -14.59
C LYS A 733 -8.39 -2.69 -16.00
N GLY A 734 -7.17 -3.23 -16.22
CA GLY A 734 -6.85 -3.78 -17.53
C GLY A 734 -7.72 -4.96 -17.91
N ILE A 735 -8.06 -5.81 -16.94
CA ILE A 735 -8.91 -6.96 -17.20
C ILE A 735 -10.32 -6.52 -17.59
N LEU A 736 -10.88 -5.56 -16.83
CA LEU A 736 -12.22 -5.08 -17.14
C LEU A 736 -12.25 -4.39 -18.50
N GLN A 737 -11.23 -3.59 -18.82
CA GLN A 737 -11.16 -2.96 -20.13
C GLN A 737 -11.02 -4.02 -21.23
N THR A 738 -10.27 -5.09 -20.96
CA THR A 738 -10.14 -6.18 -21.93
C THR A 738 -11.48 -6.84 -22.20
N VAL A 739 -12.28 -7.02 -21.15
CA VAL A 739 -13.59 -7.65 -21.31
C VAL A 739 -14.53 -6.75 -22.13
N LYS A 740 -14.53 -5.45 -21.83
CA LYS A 740 -15.36 -4.53 -22.61
C LYS A 740 -14.88 -4.41 -24.05
N VAL A 741 -13.57 -4.51 -24.28
CA VAL A 741 -13.02 -4.52 -25.62
C VAL A 741 -13.51 -5.74 -26.38
N VAL A 742 -13.53 -6.90 -25.73
CA VAL A 742 -14.02 -8.13 -26.38
C VAL A 742 -15.50 -8.01 -26.72
N ASP A 743 -16.29 -7.44 -25.80
CA ASP A 743 -17.73 -7.28 -26.03
C ASP A 743 -17.98 -6.36 -27.22
N GLU A 744 -17.28 -5.21 -27.25
CA GLU A 744 -17.51 -4.28 -28.36
C GLU A 744 -16.94 -4.80 -29.67
N LEU A 745 -15.86 -5.58 -29.63
CA LEU A 745 -15.33 -6.18 -30.85
C LEU A 745 -16.28 -7.22 -31.42
N VAL A 746 -16.94 -8.00 -30.55
CA VAL A 746 -17.97 -8.92 -31.00
C VAL A 746 -19.14 -8.15 -31.60
N LYS A 747 -19.53 -7.04 -30.96
CA LYS A 747 -20.61 -6.20 -31.46
C LYS A 747 -20.30 -5.60 -32.82
N VAL A 748 -19.03 -5.26 -33.08
CA VAL A 748 -18.64 -4.62 -34.33
C VAL A 748 -18.90 -5.53 -35.54
N MET A 749 -18.51 -6.80 -35.44
CA MET A 749 -18.61 -7.70 -36.58
C MET A 749 -19.98 -8.36 -36.73
N GLY A 750 -21.04 -7.74 -36.23
CA GLY A 750 -22.38 -8.28 -36.40
C GLY A 750 -22.72 -9.51 -35.57
N ARG A 751 -22.31 -9.53 -34.30
CA ARG A 751 -22.68 -10.53 -33.30
C ARG A 751 -22.17 -11.94 -33.62
N HIS A 752 -21.37 -12.10 -34.67
CA HIS A 752 -20.80 -13.41 -34.98
C HIS A 752 -19.66 -13.70 -34.03
N LYS A 753 -19.75 -14.83 -33.32
CA LYS A 753 -18.83 -15.12 -32.24
C LYS A 753 -17.47 -15.51 -32.82
N PRO A 754 -16.39 -15.24 -32.09
CA PRO A 754 -15.06 -15.70 -32.52
C PRO A 754 -14.89 -17.20 -32.26
N GLU A 755 -13.74 -17.72 -32.67
CA GLU A 755 -13.35 -19.07 -32.25
C GLU A 755 -12.04 -19.13 -31.49
N ASN A 756 -11.22 -18.09 -31.53
CA ASN A 756 -10.00 -18.03 -30.72
C ASN A 756 -9.87 -16.65 -30.09
N ILE A 757 -9.33 -16.63 -28.87
CA ILE A 757 -8.94 -15.41 -28.17
C ILE A 757 -7.59 -15.66 -27.52
N VAL A 758 -6.61 -14.78 -27.81
CA VAL A 758 -5.23 -15.00 -27.39
C VAL A 758 -4.87 -14.01 -26.29
N ILE A 759 -4.21 -14.51 -25.24
CA ILE A 759 -4.06 -13.82 -23.95
C ILE A 759 -2.59 -13.91 -23.51
N GLU A 760 -2.10 -12.82 -22.92
CA GLU A 760 -0.72 -12.73 -22.41
C GLU A 760 -0.57 -13.46 -21.07
N MET A 761 0.51 -14.25 -20.95
CA MET A 761 0.85 -14.92 -19.68
C MET A 761 2.35 -15.17 -19.65
N ALA A 762 3.10 -14.28 -19.00
CA ALA A 762 4.54 -14.46 -18.90
C ALA A 762 4.94 -15.25 -17.64
N ARG A 763 4.32 -16.40 -17.44
CA ARG A 763 4.59 -17.21 -16.26
C ARG A 763 5.77 -18.15 -16.49
N GLU A 764 6.29 -18.69 -15.38
CA GLU A 764 7.36 -19.67 -15.44
C GLU A 764 6.81 -21.08 -15.61
N LYS A 916 10.66 -7.42 -10.19
CA LYS A 916 10.15 -6.90 -11.44
C LYS A 916 8.62 -6.85 -11.41
N ARG A 917 8.09 -5.62 -11.29
CA ARG A 917 6.66 -5.44 -11.05
C ARG A 917 5.83 -5.86 -12.26
N GLN A 918 6.32 -5.60 -13.48
CA GLN A 918 5.58 -5.98 -14.68
C GLN A 918 5.44 -7.49 -14.78
N LEU A 919 6.51 -8.22 -14.44
CA LEU A 919 6.48 -9.68 -14.54
C LEU A 919 5.47 -10.28 -13.57
N VAL A 920 5.50 -9.85 -12.31
CA VAL A 920 4.59 -10.42 -11.32
C VAL A 920 3.15 -9.99 -11.59
N GLU A 921 2.94 -8.75 -12.07
CA GLU A 921 1.57 -8.32 -12.36
C GLU A 921 1.00 -8.99 -13.59
N THR A 922 1.83 -9.32 -14.59
CA THR A 922 1.33 -10.07 -15.72
C THR A 922 1.25 -11.58 -15.44
N ARG A 923 1.94 -12.08 -14.41
CA ARG A 923 1.75 -13.47 -14.02
C ARG A 923 0.48 -13.68 -13.21
N GLN A 924 0.00 -12.65 -12.51
CA GLN A 924 -1.24 -12.76 -11.76
C GLN A 924 -2.45 -12.85 -12.67
N ILE A 925 -2.31 -12.40 -13.92
CA ILE A 925 -3.44 -12.12 -14.81
C ILE A 925 -4.24 -13.38 -15.08
N THR A 926 -3.56 -14.46 -15.45
CA THR A 926 -4.19 -15.68 -15.97
C THR A 926 -4.61 -16.67 -14.91
N LYS A 927 -4.56 -16.30 -13.63
CA LYS A 927 -5.32 -17.07 -12.64
C LYS A 927 -6.82 -17.04 -12.93
N HIS A 928 -7.34 -15.95 -13.51
CA HIS A 928 -8.79 -15.88 -13.69
C HIS A 928 -9.27 -15.33 -15.03
N VAL A 929 -8.45 -14.62 -15.83
CA VAL A 929 -8.96 -13.96 -17.03
C VAL A 929 -9.51 -15.01 -18.00
N ALA A 930 -8.85 -16.17 -18.09
CA ALA A 930 -9.32 -17.23 -18.97
C ALA A 930 -10.66 -17.75 -18.50
N GLN A 931 -10.82 -17.89 -17.18
CA GLN A 931 -12.12 -18.23 -16.60
C GLN A 931 -13.18 -17.18 -16.94
N ILE A 932 -12.82 -15.90 -16.83
CA ILE A 932 -13.79 -14.82 -17.09
C ILE A 932 -14.25 -14.85 -18.54
N LEU A 933 -13.30 -14.92 -19.47
CA LEU A 933 -13.64 -14.92 -20.89
C LEU A 933 -14.39 -16.19 -21.28
N ASP A 934 -13.95 -17.35 -20.79
CA ASP A 934 -14.63 -18.60 -21.11
C ASP A 934 -16.04 -18.63 -20.56
N SER A 935 -16.25 -18.03 -19.38
CA SER A 935 -17.60 -17.97 -18.82
C SER A 935 -18.50 -17.01 -19.58
N ARG A 936 -17.98 -15.82 -19.92
CA ARG A 936 -18.81 -14.83 -20.59
C ARG A 936 -19.04 -15.17 -22.06
N MET A 937 -18.07 -15.83 -22.68
CA MET A 937 -18.12 -16.18 -24.09
C MET A 937 -19.03 -17.39 -24.30
N ASN A 938 -18.69 -18.51 -23.66
CA ASN A 938 -19.45 -19.76 -23.77
C ASN A 938 -20.59 -19.73 -22.75
N THR A 939 -21.83 -19.64 -23.23
CA THR A 939 -22.98 -19.59 -22.33
C THR A 939 -24.12 -20.53 -22.70
N LYS A 940 -24.18 -21.05 -23.93
CA LYS A 940 -25.24 -21.94 -24.35
C LYS A 940 -24.77 -23.40 -24.29
N TYR A 941 -25.64 -24.29 -23.82
CA TYR A 941 -25.27 -25.68 -23.65
C TYR A 941 -26.46 -26.57 -23.97
N ASP A 942 -26.31 -27.87 -23.73
CA ASP A 942 -27.29 -28.88 -24.09
C ASP A 942 -27.47 -29.83 -22.91
N GLU A 943 -28.17 -30.95 -23.17
CA GLU A 943 -28.32 -32.01 -22.19
C GLU A 943 -27.21 -33.06 -22.24
N ASN A 944 -26.55 -33.23 -23.39
CA ASN A 944 -25.49 -34.22 -23.49
C ASN A 944 -24.17 -33.69 -22.94
N ASP A 945 -23.91 -32.40 -23.12
CA ASP A 945 -22.72 -31.74 -22.61
C ASP A 945 -23.16 -30.40 -22.04
N LYS A 946 -22.58 -30.03 -20.90
CA LYS A 946 -23.00 -28.81 -20.22
C LYS A 946 -22.20 -27.59 -20.65
N LEU A 947 -21.35 -27.73 -21.66
CA LEU A 947 -20.87 -26.60 -22.45
C LEU A 947 -20.39 -27.11 -23.80
N ILE A 948 -20.85 -26.50 -24.88
CA ILE A 948 -20.33 -26.77 -26.21
C ILE A 948 -19.19 -25.79 -26.43
N ARG A 949 -17.96 -26.29 -26.39
CA ARG A 949 -16.78 -25.45 -26.60
C ARG A 949 -16.77 -24.86 -28.00
N GLU A 950 -16.95 -23.55 -28.10
CA GLU A 950 -16.99 -22.85 -29.37
C GLU A 950 -15.89 -21.81 -29.52
N VAL A 951 -15.32 -21.33 -28.43
CA VAL A 951 -14.20 -20.40 -28.46
C VAL A 951 -13.04 -21.07 -27.71
N LYS A 952 -11.99 -21.43 -28.44
CA LYS A 952 -10.77 -21.89 -27.79
C LYS A 952 -10.08 -20.66 -27.20
N VAL A 953 -10.03 -20.57 -25.88
CA VAL A 953 -9.35 -19.46 -25.24
C VAL A 953 -7.87 -19.84 -25.20
N ILE A 954 -7.12 -19.34 -26.19
CA ILE A 954 -5.69 -19.57 -26.24
C ILE A 954 -5.01 -18.74 -25.16
N THR A 955 -3.88 -19.23 -24.64
CA THR A 955 -3.06 -18.44 -23.74
C THR A 955 -1.59 -18.72 -24.01
N LEU A 956 -0.81 -17.65 -24.15
CA LEU A 956 0.56 -17.71 -24.65
C LEU A 956 1.50 -17.00 -23.68
N LYS A 957 2.77 -17.35 -23.79
CA LYS A 957 3.84 -16.68 -23.08
C LYS A 957 4.58 -15.70 -23.99
N SER A 958 4.99 -14.57 -23.41
CA SER A 958 5.65 -13.50 -24.15
C SER A 958 7.00 -13.92 -24.72
N LYS A 959 7.59 -15.01 -24.20
CA LYS A 959 8.84 -15.51 -24.74
C LYS A 959 8.71 -15.91 -26.20
N LEU A 960 7.58 -16.53 -26.57
CA LEU A 960 7.36 -16.98 -27.95
C LEU A 960 7.24 -15.81 -28.90
N VAL A 961 6.46 -14.79 -28.52
CA VAL A 961 6.38 -13.60 -29.35
C VAL A 961 7.72 -12.87 -29.36
N SER A 962 8.52 -13.02 -28.31
CA SER A 962 9.85 -12.41 -28.28
C SER A 962 10.81 -13.03 -29.30
N ASP A 963 10.92 -14.37 -29.34
CA ASP A 963 11.82 -14.91 -30.37
C ASP A 963 11.21 -14.81 -31.75
N PHE A 964 9.87 -14.80 -31.86
CA PHE A 964 9.24 -14.58 -33.15
C PHE A 964 9.57 -13.20 -33.69
N ARG A 965 9.58 -12.19 -32.81
CA ARG A 965 10.00 -10.85 -33.21
C ARG A 965 11.48 -10.83 -33.58
N LYS A 966 12.35 -11.33 -32.70
CA LYS A 966 13.79 -11.21 -32.92
C LYS A 966 14.36 -12.23 -33.89
N ASP A 967 13.54 -13.13 -34.43
CA ASP A 967 14.00 -14.17 -35.33
C ASP A 967 13.55 -13.97 -36.78
N PHE A 968 12.62 -13.04 -37.03
CA PHE A 968 12.14 -12.82 -38.39
C PHE A 968 12.06 -11.33 -38.70
N GLN A 969 12.97 -10.55 -38.11
CA GLN A 969 13.19 -9.14 -38.44
C GLN A 969 11.94 -8.28 -38.24
N PHE A 970 11.17 -8.58 -37.20
CA PHE A 970 10.06 -7.72 -36.79
C PHE A 970 10.40 -7.20 -35.40
N TYR A 971 11.23 -6.17 -35.33
CA TYR A 971 11.69 -5.67 -34.04
C TYR A 971 10.81 -4.53 -33.57
N LYS A 972 10.47 -4.54 -32.27
CA LYS A 972 9.78 -3.44 -31.63
C LYS A 972 10.77 -2.52 -30.93
N VAL A 973 10.49 -1.22 -31.01
CA VAL A 973 11.15 -0.24 -30.16
C VAL A 973 10.05 0.59 -29.51
N ARG A 974 10.09 0.67 -28.18
CA ARG A 974 8.98 1.23 -27.41
C ARG A 974 8.95 2.74 -27.44
N GLU A 975 9.96 3.40 -28.00
CA GLU A 975 10.11 4.84 -27.86
C GLU A 975 9.40 5.61 -28.96
N ILE A 976 9.14 4.99 -30.11
CA ILE A 976 8.62 5.71 -31.26
C ILE A 976 7.12 5.92 -31.15
N ASN A 977 6.36 4.85 -30.95
CA ASN A 977 4.90 4.95 -31.04
C ASN A 977 4.24 3.94 -30.13
N ASN A 978 2.96 4.18 -29.84
CA ASN A 978 2.11 3.24 -29.12
C ASN A 978 1.45 2.21 -30.02
N TYR A 979 1.87 2.10 -31.28
CA TYR A 979 1.34 1.05 -32.15
C TYR A 979 1.84 -0.34 -31.75
N HIS A 980 2.92 -0.41 -30.97
CA HIS A 980 3.53 -1.69 -30.64
C HIS A 980 2.62 -2.56 -29.79
N HIS A 981 1.75 -1.94 -28.99
CA HIS A 981 0.78 -2.71 -28.21
C HIS A 981 -0.13 -3.46 -29.15
N ALA A 982 -0.71 -2.75 -30.12
CA ALA A 982 -1.55 -3.40 -31.11
C ALA A 982 -0.75 -4.39 -31.90
N HIS A 983 0.50 -4.04 -32.23
CA HIS A 983 1.36 -4.95 -32.95
C HIS A 983 1.61 -6.22 -32.17
N ASP A 984 1.83 -6.08 -30.86
CA ASP A 984 2.01 -7.25 -30.01
C ASP A 984 0.74 -8.09 -30.00
N ALA A 985 -0.41 -7.42 -29.94
CA ALA A 985 -1.69 -8.12 -29.99
C ALA A 985 -1.82 -8.90 -31.29
N TYR A 986 -1.44 -8.26 -32.41
CA TYR A 986 -1.49 -8.95 -33.69
C TYR A 986 -0.59 -10.16 -33.69
N LEU A 987 0.63 -10.01 -33.16
CA LEU A 987 1.54 -11.14 -33.12
C LEU A 987 0.98 -12.24 -32.22
N ASN A 988 0.39 -11.85 -31.10
CA ASN A 988 -0.28 -12.79 -30.21
C ASN A 988 -1.27 -13.63 -30.98
N ALA A 989 -2.14 -12.98 -31.76
CA ALA A 989 -3.14 -13.74 -32.50
C ALA A 989 -2.52 -14.68 -33.52
N VAL A 990 -1.53 -14.20 -34.29
CA VAL A 990 -1.05 -15.03 -35.41
C VAL A 990 -0.27 -16.23 -34.91
N VAL A 991 0.59 -16.04 -33.90
CA VAL A 991 1.34 -17.18 -33.41
C VAL A 991 0.41 -18.12 -32.66
N GLY A 992 -0.63 -17.58 -32.00
CA GLY A 992 -1.60 -18.45 -31.35
C GLY A 992 -2.34 -19.38 -32.29
N THR A 993 -2.98 -18.81 -33.30
CA THR A 993 -3.75 -19.62 -34.25
C THR A 993 -2.86 -20.55 -35.05
N ALA A 994 -1.71 -20.06 -35.50
CA ALA A 994 -0.81 -20.91 -36.26
C ALA A 994 -0.21 -22.00 -35.39
N LEU A 995 -0.25 -21.85 -34.07
CA LEU A 995 0.22 -22.96 -33.25
C LEU A 995 -0.87 -24.01 -33.07
N ILE A 996 -2.12 -23.57 -32.79
CA ILE A 996 -3.16 -24.56 -32.52
C ILE A 996 -3.53 -25.31 -33.79
N LYS A 997 -3.45 -24.65 -34.94
CA LYS A 997 -3.64 -25.36 -36.19
C LYS A 997 -2.47 -26.28 -36.50
N LYS A 998 -1.25 -25.91 -36.08
CA LYS A 998 -0.11 -26.79 -36.34
C LYS A 998 -0.14 -28.04 -35.45
N TYR A 999 -0.52 -27.89 -34.18
CA TYR A 999 -0.67 -28.99 -33.23
C TYR A 999 -2.08 -28.99 -32.65
N PRO A 1000 -3.07 -29.50 -33.38
CA PRO A 1000 -4.44 -29.56 -32.81
C PRO A 1000 -4.56 -30.44 -31.58
N LYS A 1001 -3.79 -31.53 -31.51
CA LYS A 1001 -3.92 -32.46 -30.39
C LYS A 1001 -3.41 -31.86 -29.09
N LEU A 1002 -2.69 -30.75 -29.15
CA LEU A 1002 -2.21 -30.07 -27.96
C LEU A 1002 -3.15 -28.93 -27.55
N GLU A 1003 -4.47 -29.05 -27.83
CA GLU A 1003 -5.41 -28.09 -27.24
C GLU A 1003 -5.38 -28.16 -25.72
N SER A 1004 -5.36 -29.37 -25.15
CA SER A 1004 -5.49 -29.59 -23.72
C SER A 1004 -4.29 -29.09 -22.92
N GLU A 1005 -3.25 -28.62 -23.58
CA GLU A 1005 -2.14 -27.97 -22.90
C GLU A 1005 -2.36 -26.47 -22.76
N PHE A 1006 -2.96 -25.83 -23.77
CA PHE A 1006 -3.05 -24.38 -23.82
C PHE A 1006 -4.47 -23.84 -23.75
N VAL A 1007 -5.41 -24.47 -24.46
CA VAL A 1007 -6.82 -24.08 -24.37
C VAL A 1007 -7.30 -24.25 -22.94
N TYR A 1008 -7.89 -23.18 -22.39
CA TYR A 1008 -8.46 -23.23 -21.05
C TYR A 1008 -9.90 -23.72 -21.12
N GLY A 1009 -10.31 -24.51 -20.12
CA GLY A 1009 -11.65 -25.02 -19.99
C GLY A 1009 -11.74 -26.53 -20.02
N ASP A 1010 -10.80 -27.18 -20.70
CA ASP A 1010 -10.79 -28.64 -20.83
C ASP A 1010 -9.33 -29.09 -20.71
N TYR A 1011 -8.93 -29.41 -19.48
CA TYR A 1011 -7.64 -30.05 -19.23
C TYR A 1011 -7.77 -30.94 -18.01
N LYS A 1012 -6.98 -32.01 -17.99
CA LYS A 1012 -7.17 -33.12 -17.04
C LYS A 1012 -5.98 -33.30 -16.10
N VAL A 1013 -5.12 -32.30 -15.99
CA VAL A 1013 -3.96 -32.40 -15.12
C VAL A 1013 -4.06 -31.42 -13.96
N ILE A 1040 9.83 -26.30 -30.30
CA ILE A 1040 8.44 -26.15 -30.69
C ILE A 1040 8.31 -25.01 -31.71
N MET A 1041 9.13 -23.97 -31.55
CA MET A 1041 9.00 -22.75 -32.33
C MET A 1041 9.66 -22.85 -33.71
N ASN A 1042 10.45 -23.90 -33.95
CA ASN A 1042 11.31 -23.95 -35.13
C ASN A 1042 10.57 -24.21 -36.44
N PHE A 1043 9.28 -24.58 -36.40
CA PHE A 1043 8.59 -24.91 -37.65
C PHE A 1043 8.31 -23.69 -38.51
N PHE A 1044 8.36 -22.48 -37.92
CA PHE A 1044 8.24 -21.26 -38.73
C PHE A 1044 9.48 -21.06 -39.59
N LYS A 1045 10.64 -21.49 -39.12
CA LYS A 1045 11.90 -21.26 -39.83
C LYS A 1045 12.01 -22.19 -41.02
N PRO A 1059 10.50 -27.62 -45.28
CA PRO A 1059 9.75 -27.16 -46.46
C PRO A 1059 9.19 -25.76 -46.27
N LEU A 1060 8.84 -25.10 -47.39
CA LEU A 1060 8.33 -23.74 -47.30
C LEU A 1060 6.90 -23.72 -46.77
N ILE A 1061 6.09 -24.71 -47.13
CA ILE A 1061 4.70 -24.79 -46.69
C ILE A 1061 4.60 -25.84 -45.59
N GLU A 1062 4.02 -25.46 -44.46
CA GLU A 1062 3.83 -26.36 -43.33
C GLU A 1062 2.34 -26.65 -43.17
N THR A 1063 2.06 -27.88 -42.75
CA THR A 1063 0.70 -28.39 -42.61
C THR A 1063 0.62 -29.25 -41.36
N ASN A 1064 -0.61 -29.49 -40.91
CA ASN A 1064 -0.85 -30.43 -39.82
C ASN A 1064 -0.44 -31.85 -40.19
N GLY A 1065 -0.58 -32.22 -41.46
CA GLY A 1065 -0.17 -33.56 -41.91
C GLY A 1065 -1.17 -34.67 -41.66
N GLU A 1066 -1.65 -34.80 -40.41
CA GLU A 1066 -2.73 -35.73 -40.14
C GLU A 1066 -4.03 -35.29 -40.80
N THR A 1067 -4.20 -33.98 -40.98
CA THR A 1067 -5.20 -33.42 -41.88
C THR A 1067 -4.51 -32.39 -42.74
N GLY A 1068 -4.75 -32.45 -44.05
CA GLY A 1068 -3.96 -31.72 -45.01
C GLY A 1068 -4.16 -30.22 -45.09
N GLU A 1069 -4.69 -29.61 -44.04
CA GLU A 1069 -4.89 -28.17 -44.04
C GLU A 1069 -3.55 -27.45 -43.89
N ILE A 1070 -3.37 -26.40 -44.69
CA ILE A 1070 -2.14 -25.62 -44.64
C ILE A 1070 -2.19 -24.74 -43.40
N VAL A 1071 -1.12 -24.77 -42.62
CA VAL A 1071 -1.05 -24.02 -41.37
C VAL A 1071 -0.05 -22.88 -41.44
N TRP A 1072 0.96 -22.96 -42.31
CA TRP A 1072 1.90 -21.84 -42.46
C TRP A 1072 2.52 -21.89 -43.84
N ASP A 1073 2.73 -20.72 -44.44
CA ASP A 1073 3.25 -20.64 -45.80
C ASP A 1073 4.36 -19.59 -45.80
N LYS A 1074 5.59 -20.04 -45.57
CA LYS A 1074 6.76 -19.17 -45.61
C LYS A 1074 6.85 -18.50 -46.98
N GLY A 1075 6.80 -17.17 -46.99
CA GLY A 1075 6.52 -16.48 -48.23
C GLY A 1075 5.41 -15.47 -48.08
N ARG A 1076 4.22 -15.79 -48.62
CA ARG A 1076 3.07 -14.88 -48.56
C ARG A 1076 2.67 -14.54 -47.13
N ASP A 1077 2.91 -15.44 -46.18
CA ASP A 1077 2.53 -15.14 -44.79
C ASP A 1077 3.41 -14.06 -44.20
N PHE A 1078 4.73 -14.15 -44.44
CA PHE A 1078 5.64 -13.12 -43.95
C PHE A 1078 5.40 -11.79 -44.66
N ALA A 1079 5.03 -11.84 -45.95
CA ALA A 1079 4.63 -10.64 -46.66
C ALA A 1079 3.39 -10.01 -46.03
N THR A 1080 2.40 -10.82 -45.67
CA THR A 1080 1.20 -10.32 -45.01
C THR A 1080 1.53 -9.68 -43.67
N VAL A 1081 2.42 -10.31 -42.90
CA VAL A 1081 2.80 -9.78 -41.60
C VAL A 1081 3.55 -8.45 -41.76
N ARG A 1082 4.50 -8.40 -42.71
CA ARG A 1082 5.21 -7.15 -43.00
C ARG A 1082 4.24 -6.05 -43.42
N LYS A 1083 3.26 -6.39 -44.26
CA LYS A 1083 2.25 -5.42 -44.68
C LYS A 1083 1.45 -4.90 -43.49
N VAL A 1084 1.11 -5.78 -42.55
CA VAL A 1084 0.32 -5.35 -41.40
C VAL A 1084 1.13 -4.45 -40.47
N LEU A 1085 2.40 -4.80 -40.20
CA LEU A 1085 3.24 -3.96 -39.36
C LEU A 1085 3.56 -2.62 -40.01
N SER A 1086 3.41 -2.48 -41.33
CA SER A 1086 3.72 -1.24 -42.02
C SER A 1086 2.47 -0.39 -42.25
N MET A 1087 1.33 -0.80 -41.71
CA MET A 1087 0.10 -0.02 -41.86
C MET A 1087 0.21 1.29 -41.09
N PRO A 1088 -0.23 2.41 -41.68
CA PRO A 1088 -0.14 3.69 -40.98
C PRO A 1088 -1.27 3.94 -39.99
N GLN A 1089 -2.46 3.41 -40.28
CA GLN A 1089 -3.66 3.69 -39.50
C GLN A 1089 -3.85 2.57 -38.48
N VAL A 1090 -3.70 2.91 -37.20
CA VAL A 1090 -3.94 1.98 -36.10
C VAL A 1090 -4.73 2.73 -35.04
N ASN A 1091 -5.84 2.15 -34.59
CA ASN A 1091 -6.78 2.85 -33.74
C ASN A 1091 -6.26 3.03 -32.31
N ILE A 1092 -5.54 4.11 -32.06
CA ILE A 1092 -5.14 4.48 -30.71
C ILE A 1092 -6.21 5.37 -30.10
N VAL A 1093 -6.69 4.99 -28.92
CA VAL A 1093 -7.71 5.74 -28.21
C VAL A 1093 -7.25 5.92 -26.76
N LYS A 1094 -7.18 7.17 -26.32
CA LYS A 1094 -6.89 7.49 -24.93
C LYS A 1094 -8.20 7.58 -24.17
N LYS A 1095 -8.37 6.73 -23.16
CA LYS A 1095 -9.62 6.65 -22.41
C LYS A 1095 -9.85 7.93 -21.63
N THR A 1096 -10.94 8.62 -21.93
CA THR A 1096 -11.28 9.85 -21.24
C THR A 1096 -11.82 9.54 -19.85
N GLU A 1097 -11.24 10.18 -18.83
CA GLU A 1097 -11.60 9.94 -17.44
C GLU A 1097 -11.88 11.28 -16.78
N VAL A 1098 -12.98 11.35 -16.02
CA VAL A 1098 -13.15 12.49 -15.13
C VAL A 1098 -12.22 12.30 -13.94
N GLN A 1099 -11.35 13.28 -13.72
CA GLN A 1099 -10.30 13.13 -12.72
C GLN A 1099 -10.88 13.28 -11.32
N THR A 1100 -10.45 12.39 -10.43
CA THR A 1100 -10.93 12.38 -9.06
C THR A 1100 -9.75 12.20 -8.12
N GLY A 1101 -9.96 12.57 -6.86
CA GLY A 1101 -8.89 12.53 -5.89
C GLY A 1101 -8.94 13.73 -4.96
N GLY A 1102 -7.77 14.20 -4.55
CA GLY A 1102 -7.72 15.37 -3.69
C GLY A 1102 -8.22 16.62 -4.39
N PHE A 1103 -8.78 17.52 -3.60
CA PHE A 1103 -9.32 18.77 -4.13
C PHE A 1103 -8.22 19.63 -4.76
N SER A 1104 -7.02 19.60 -4.19
CA SER A 1104 -5.94 20.48 -4.60
C SER A 1104 -4.64 19.94 -3.98
N LYS A 1105 -3.54 20.63 -4.27
CA LYS A 1105 -2.28 20.33 -3.61
C LYS A 1105 -2.37 20.68 -2.13
N GLU A 1106 -1.57 19.97 -1.33
CA GLU A 1106 -1.80 19.90 0.10
C GLU A 1106 -1.17 21.05 0.89
N SER A 1107 -0.09 21.64 0.38
CA SER A 1107 0.58 22.70 1.12
C SER A 1107 -0.30 23.95 1.17
N ILE A 1108 -0.21 24.65 2.29
CA ILE A 1108 -1.00 25.85 2.54
C ILE A 1108 -0.11 27.06 2.28
N ARG A 1109 -0.36 27.75 1.18
CA ARG A 1109 0.45 28.90 0.80
C ARG A 1109 0.10 30.09 1.68
N PRO A 1110 1.05 30.98 1.95
CA PRO A 1110 0.77 32.15 2.80
C PRO A 1110 -0.18 33.11 2.11
N LYS A 1111 -0.64 34.09 2.89
CA LYS A 1111 -1.66 35.01 2.39
C LYS A 1111 -1.08 35.93 1.30
N ARG A 1112 -1.92 36.20 0.30
CA ARG A 1112 -1.55 37.03 -0.83
C ARG A 1112 -2.79 37.78 -1.29
N ASN A 1113 -2.58 38.85 -2.05
CA ASN A 1113 -3.68 39.58 -2.65
C ASN A 1113 -3.99 39.01 -4.04
N SER A 1114 -4.30 37.72 -4.04
CA SER A 1114 -4.62 36.97 -5.25
C SER A 1114 -5.94 36.24 -5.05
N ASP A 1115 -6.73 36.16 -6.12
CA ASP A 1115 -8.02 35.50 -6.07
C ASP A 1115 -7.96 34.03 -6.49
N LYS A 1116 -6.76 33.50 -6.75
CA LYS A 1116 -6.60 32.10 -7.08
C LYS A 1116 -6.39 31.22 -5.85
N LEU A 1117 -6.18 31.81 -4.68
CA LEU A 1117 -6.07 31.04 -3.46
C LEU A 1117 -7.41 30.44 -3.08
N ILE A 1118 -7.42 29.16 -2.76
CA ILE A 1118 -8.64 28.45 -2.38
C ILE A 1118 -8.79 28.51 -0.85
N ALA A 1119 -9.96 28.91 -0.40
CA ALA A 1119 -10.21 29.03 1.04
C ALA A 1119 -10.16 27.68 1.73
N ARG A 1120 -9.64 27.67 2.96
CA ARG A 1120 -9.58 26.47 3.77
C ARG A 1120 -10.86 26.21 4.53
N LYS A 1121 -11.76 27.18 4.58
CA LYS A 1121 -12.99 27.08 5.36
C LYS A 1121 -13.94 28.13 4.80
N LYS A 1122 -15.22 28.02 5.17
CA LYS A 1122 -16.24 28.89 4.61
C LYS A 1122 -16.00 30.34 4.97
N ASP A 1123 -15.69 30.62 6.24
CA ASP A 1123 -15.53 31.99 6.72
C ASP A 1123 -14.07 32.41 6.80
N TRP A 1124 -13.18 31.75 6.06
CA TRP A 1124 -11.75 32.08 6.04
C TRP A 1124 -11.42 32.62 4.65
N ASP A 1125 -11.55 33.92 4.48
CA ASP A 1125 -11.27 34.57 3.20
C ASP A 1125 -9.77 34.51 2.93
N PRO A 1126 -9.33 33.87 1.84
CA PRO A 1126 -7.89 33.69 1.63
C PRO A 1126 -7.18 34.91 1.07
N LYS A 1127 -7.49 36.09 1.60
CA LYS A 1127 -6.62 37.25 1.52
C LYS A 1127 -6.09 37.62 2.89
N LYS A 1128 -6.53 36.92 3.92
CA LYS A 1128 -6.12 37.15 5.30
C LYS A 1128 -5.61 35.89 5.97
N TYR A 1129 -5.82 34.72 5.38
CA TYR A 1129 -5.54 33.45 6.02
C TYR A 1129 -4.73 32.49 5.16
N GLY A 1130 -4.46 32.82 3.90
CA GLY A 1130 -3.79 31.89 3.01
C GLY A 1130 -4.73 30.77 2.59
N GLY A 1131 -4.17 29.83 1.83
CA GLY A 1131 -4.97 28.73 1.34
C GLY A 1131 -4.21 27.92 0.31
N PHE A 1132 -4.93 26.97 -0.28
CA PHE A 1132 -4.34 26.02 -1.20
C PHE A 1132 -4.28 26.57 -2.62
N LEU A 1133 -3.39 25.99 -3.42
CA LEU A 1133 -3.25 26.30 -4.83
C LEU A 1133 -3.19 24.99 -5.61
N TRP A 1134 -3.15 25.13 -6.94
CA TRP A 1134 -3.17 24.02 -7.88
C TRP A 1134 -4.36 23.06 -7.68
N PRO A 1135 -5.59 23.52 -7.90
CA PRO A 1135 -6.73 22.60 -7.85
C PRO A 1135 -6.71 21.65 -9.04
N THR A 1136 -7.40 20.52 -8.88
CA THR A 1136 -7.53 19.52 -9.93
C THR A 1136 -8.91 19.64 -10.54
N VAL A 1137 -8.96 19.77 -11.86
CA VAL A 1137 -10.24 19.80 -12.58
C VAL A 1137 -10.78 18.39 -12.75
N ALA A 1138 -12.05 18.19 -12.38
CA ALA A 1138 -12.71 16.91 -12.63
C ALA A 1138 -12.93 16.72 -14.12
N TYR A 1139 -13.69 17.63 -14.73
CA TYR A 1139 -13.89 17.66 -16.16
C TYR A 1139 -14.22 19.09 -16.56
N SER A 1140 -13.83 19.46 -17.77
CA SER A 1140 -14.13 20.78 -18.30
C SER A 1140 -15.52 20.76 -18.93
N VAL A 1141 -16.07 21.95 -19.15
CA VAL A 1141 -17.42 22.08 -19.67
C VAL A 1141 -17.42 23.21 -20.70
N LEU A 1142 -17.76 22.88 -21.95
CA LEU A 1142 -17.91 23.89 -22.99
C LEU A 1142 -19.24 24.60 -22.80
N VAL A 1143 -19.18 25.91 -22.57
CA VAL A 1143 -20.32 26.79 -22.40
C VAL A 1143 -20.32 27.83 -23.53
N VAL A 1144 -21.50 28.38 -23.79
CA VAL A 1144 -21.65 29.50 -24.71
C VAL A 1144 -22.72 30.44 -24.15
N ALA A 1145 -22.32 31.67 -23.80
CA ALA A 1145 -23.20 32.61 -23.11
C ALA A 1145 -22.64 34.01 -23.27
N LYS A 1146 -23.35 34.97 -22.69
CA LYS A 1146 -22.92 36.37 -22.66
C LYS A 1146 -22.22 36.70 -21.35
N VAL A 1147 -21.16 37.50 -21.45
CA VAL A 1147 -20.39 37.93 -20.29
C VAL A 1147 -20.30 39.45 -20.29
N GLU A 1148 -20.51 40.06 -19.12
CA GLU A 1148 -20.50 41.51 -18.98
C GLU A 1148 -19.04 41.97 -18.87
N LYS A 1149 -18.41 42.14 -20.04
CA LYS A 1149 -17.07 42.68 -20.12
C LYS A 1149 -17.09 44.13 -20.57
N GLY A 1150 -15.99 44.83 -20.31
CA GLY A 1150 -15.92 46.23 -20.65
C GLY A 1150 -16.41 47.14 -19.54
N LYS A 1151 -15.72 48.27 -19.34
CA LYS A 1151 -16.16 49.31 -18.41
C LYS A 1151 -17.62 49.70 -18.65
N SER A 1152 -18.00 49.86 -19.92
CA SER A 1152 -19.40 50.03 -20.30
C SER A 1152 -20.02 48.65 -20.37
N LYS A 1153 -20.71 48.26 -19.30
CA LYS A 1153 -21.30 46.92 -19.18
C LYS A 1153 -22.34 46.64 -20.25
N LYS A 1154 -22.02 45.73 -21.16
CA LYS A 1154 -22.92 45.37 -22.24
C LYS A 1154 -22.61 43.94 -22.67
N LEU A 1155 -23.64 43.22 -23.09
CA LEU A 1155 -23.57 41.77 -23.27
C LEU A 1155 -22.87 41.45 -24.58
N LYS A 1156 -21.60 41.06 -24.52
CA LYS A 1156 -20.93 40.43 -25.64
C LYS A 1156 -21.13 38.92 -25.54
N SER A 1157 -21.50 38.30 -26.65
CA SER A 1157 -21.62 36.86 -26.72
C SER A 1157 -20.23 36.22 -26.79
N VAL A 1158 -20.02 35.18 -25.98
CA VAL A 1158 -18.72 34.52 -25.90
C VAL A 1158 -18.95 33.02 -25.92
N LYS A 1159 -17.88 32.28 -26.24
CA LYS A 1159 -17.89 30.84 -26.18
C LYS A 1159 -16.51 30.39 -25.73
N GLU A 1160 -16.42 29.76 -24.57
CA GLU A 1160 -15.13 29.43 -23.99
C GLU A 1160 -15.27 28.20 -23.09
N LEU A 1161 -14.14 27.55 -22.85
CA LEU A 1161 -14.09 26.41 -21.95
C LEU A 1161 -14.06 26.90 -20.50
N LEU A 1162 -14.44 25.99 -19.60
CA LEU A 1162 -14.43 26.28 -18.17
C LEU A 1162 -14.08 25.02 -17.42
N GLY A 1163 -13.25 25.16 -16.38
CA GLY A 1163 -12.83 24.04 -15.58
C GLY A 1163 -13.69 23.86 -14.35
N ILE A 1164 -14.28 22.69 -14.22
CA ILE A 1164 -15.10 22.34 -13.07
C ILE A 1164 -14.22 21.51 -12.14
N THR A 1165 -13.73 22.11 -11.06
CA THR A 1165 -12.85 21.42 -10.15
C THR A 1165 -13.64 20.42 -9.29
N ILE A 1166 -12.89 19.58 -8.57
CA ILE A 1166 -13.48 18.49 -7.80
C ILE A 1166 -14.32 19.03 -6.65
N MET A 1167 -13.95 20.18 -6.09
CA MET A 1167 -14.79 20.83 -5.09
C MET A 1167 -16.14 21.25 -5.68
N GLU A 1168 -16.11 21.83 -6.88
CA GLU A 1168 -17.32 22.39 -7.48
C GLU A 1168 -18.15 21.36 -8.25
N ARG A 1169 -17.71 20.11 -8.33
CA ARG A 1169 -18.36 19.13 -9.20
C ARG A 1169 -19.78 18.82 -8.73
N SER A 1170 -19.95 18.59 -7.43
CA SER A 1170 -21.26 18.28 -6.88
C SER A 1170 -22.20 19.48 -7.01
N SER A 1171 -21.72 20.67 -6.67
CA SER A 1171 -22.52 21.88 -6.78
C SER A 1171 -22.84 22.23 -8.24
N PHE A 1172 -22.04 21.76 -9.19
CA PHE A 1172 -22.34 21.96 -10.59
C PHE A 1172 -23.41 20.99 -11.07
N GLU A 1173 -23.21 19.68 -10.83
CA GLU A 1173 -24.19 18.70 -11.25
C GLU A 1173 -25.51 18.82 -10.49
N LYS A 1174 -25.53 19.47 -9.33
CA LYS A 1174 -26.79 19.79 -8.67
C LYS A 1174 -27.65 20.71 -9.54
N ASN A 1175 -27.07 21.81 -10.01
CA ASN A 1175 -27.78 22.76 -10.87
C ASN A 1175 -26.76 23.55 -11.69
N PRO A 1176 -26.50 23.15 -12.93
CA PRO A 1176 -25.48 23.84 -13.74
C PRO A 1176 -25.78 25.31 -14.02
N ILE A 1177 -27.06 25.67 -14.20
CA ILE A 1177 -27.41 27.01 -14.65
C ILE A 1177 -27.09 28.04 -13.57
N ASP A 1178 -27.47 27.75 -12.32
CA ASP A 1178 -27.20 28.68 -11.23
C ASP A 1178 -25.70 28.79 -10.95
N PHE A 1179 -24.98 27.68 -11.08
CA PHE A 1179 -23.52 27.70 -10.86
C PHE A 1179 -22.84 28.54 -11.93
N LEU A 1180 -23.24 28.39 -13.18
CA LEU A 1180 -22.66 29.20 -14.26
C LEU A 1180 -23.04 30.67 -14.13
N GLU A 1181 -24.27 30.96 -13.70
CA GLU A 1181 -24.68 32.33 -13.46
C GLU A 1181 -23.92 32.96 -12.30
N ALA A 1182 -23.55 32.16 -11.29
CA ALA A 1182 -22.69 32.66 -10.23
C ALA A 1182 -21.28 32.95 -10.73
N LYS A 1183 -20.81 32.22 -11.74
CA LYS A 1183 -19.54 32.52 -12.38
C LYS A 1183 -19.58 33.75 -13.29
N GLY A 1184 -20.73 34.41 -13.44
CA GLY A 1184 -20.83 35.63 -14.19
C GLY A 1184 -21.47 35.49 -15.56
N TYR A 1185 -21.53 34.27 -16.09
CA TYR A 1185 -22.12 34.04 -17.41
C TYR A 1185 -23.62 34.34 -17.38
N LYS A 1186 -24.14 34.80 -18.51
CA LYS A 1186 -25.53 35.21 -18.63
C LYS A 1186 -26.14 34.64 -19.90
N GLU A 1187 -27.38 34.16 -19.79
CA GLU A 1187 -28.12 33.48 -20.86
C GLU A 1187 -27.34 32.27 -21.38
N VAL A 1188 -27.10 31.33 -20.48
CA VAL A 1188 -26.39 30.10 -20.83
C VAL A 1188 -27.32 29.19 -21.62
N LYS A 1189 -26.87 28.77 -22.80
CA LYS A 1189 -27.61 27.82 -23.63
C LYS A 1189 -27.45 26.44 -23.02
N LYS A 1190 -28.54 25.93 -22.41
CA LYS A 1190 -28.44 24.73 -21.58
C LYS A 1190 -28.14 23.49 -22.42
N ASP A 1191 -28.73 23.39 -23.61
CA ASP A 1191 -28.52 22.22 -24.46
C ASP A 1191 -27.08 22.23 -24.98
N LEU A 1192 -26.50 23.41 -25.17
CA LEU A 1192 -25.18 23.54 -25.78
C LEU A 1192 -24.04 23.20 -24.83
N ILE A 1193 -24.32 23.01 -23.54
CA ILE A 1193 -23.30 22.64 -22.56
C ILE A 1193 -22.77 21.25 -22.91
N ILE A 1194 -21.45 21.14 -23.09
CA ILE A 1194 -20.82 19.88 -23.42
C ILE A 1194 -19.82 19.50 -22.34
N LYS A 1195 -20.02 18.34 -21.71
CA LYS A 1195 -19.09 17.84 -20.71
C LYS A 1195 -17.89 17.21 -21.41
N LEU A 1196 -16.69 17.71 -21.12
CA LEU A 1196 -15.45 17.25 -21.74
C LEU A 1196 -14.50 16.74 -20.67
N PRO A 1197 -14.37 15.43 -20.49
CA PRO A 1197 -13.38 14.93 -19.53
C PRO A 1197 -11.96 15.11 -20.04
N LYS A 1198 -10.98 14.77 -19.20
CA LYS A 1198 -9.59 14.84 -19.59
C LYS A 1198 -9.31 13.86 -20.73
N TYR A 1199 -8.37 14.24 -21.60
CA TYR A 1199 -8.02 13.51 -22.83
C TYR A 1199 -9.19 13.44 -23.81
N SER A 1200 -10.10 14.42 -23.75
CA SER A 1200 -11.06 14.61 -24.83
C SER A 1200 -10.31 14.98 -26.10
N LEU A 1201 -10.67 14.32 -27.21
CA LEU A 1201 -9.89 14.41 -28.43
C LEU A 1201 -10.51 15.41 -29.39
N PHE A 1202 -9.68 16.31 -29.92
CA PHE A 1202 -10.10 17.29 -30.92
C PHE A 1202 -9.24 17.11 -32.16
N GLU A 1203 -9.83 17.40 -33.31
CA GLU A 1203 -9.12 17.42 -34.58
C GLU A 1203 -9.17 18.81 -35.17
N LEU A 1204 -8.04 19.25 -35.69
CA LEU A 1204 -7.84 20.57 -36.28
C LEU A 1204 -7.42 20.39 -37.73
N GLU A 1205 -6.95 21.49 -38.34
CA GLU A 1205 -6.56 21.48 -39.74
C GLU A 1205 -5.40 20.50 -39.98
N ASN A 1206 -5.31 20.03 -41.23
CA ASN A 1206 -4.26 19.15 -41.72
C ASN A 1206 -4.21 17.81 -40.97
N GLY A 1207 -5.31 17.41 -40.34
CA GLY A 1207 -5.33 16.21 -39.53
C GLY A 1207 -4.49 16.27 -38.27
N ARG A 1208 -4.43 17.44 -37.63
CA ARG A 1208 -3.62 17.65 -36.43
C ARG A 1208 -4.53 17.54 -35.21
N LYS A 1209 -4.30 16.52 -34.39
CA LYS A 1209 -5.16 16.22 -33.26
C LYS A 1209 -4.53 16.72 -31.96
N ARG A 1210 -5.39 17.05 -31.00
CA ARG A 1210 -4.98 17.54 -29.69
C ARG A 1210 -5.85 16.92 -28.61
N MET A 1211 -5.23 16.42 -27.55
CA MET A 1211 -5.97 15.89 -26.42
C MET A 1211 -6.07 16.95 -25.33
N LEU A 1212 -7.27 17.17 -24.82
CA LEU A 1212 -7.51 18.25 -23.87
C LEU A 1212 -7.02 17.82 -22.50
N ALA A 1213 -5.86 18.34 -22.08
CA ALA A 1213 -5.30 17.97 -20.78
C ALA A 1213 -6.03 18.62 -19.63
N SER A 1214 -6.59 19.81 -19.84
CA SER A 1214 -7.36 20.53 -18.84
C SER A 1214 -8.14 21.63 -19.56
N ALA A 1215 -8.83 22.47 -18.78
CA ALA A 1215 -9.50 23.63 -19.35
C ALA A 1215 -8.54 24.66 -19.92
N LYS A 1216 -7.26 24.61 -19.54
CA LYS A 1216 -6.29 25.62 -19.94
C LYS A 1216 -4.99 25.00 -20.46
N GLN A 1217 -5.01 23.74 -20.87
CA GLN A 1217 -3.81 23.12 -21.40
C GLN A 1217 -4.17 21.97 -22.34
N LEU A 1218 -3.42 21.86 -23.44
CA LEU A 1218 -3.60 20.78 -24.39
C LEU A 1218 -2.42 19.83 -24.34
N GLN A 1219 -2.58 18.75 -25.08
CA GLN A 1219 -1.63 17.65 -25.12
C GLN A 1219 -1.49 17.23 -26.58
N LYS A 1220 -0.33 16.66 -26.91
CA LYS A 1220 -0.10 16.16 -28.26
C LYS A 1220 -0.96 14.94 -28.51
N GLY A 1221 -1.46 14.81 -29.74
CA GLY A 1221 -2.42 13.78 -30.03
C GLY A 1221 -2.17 12.84 -31.20
N ASN A 1222 -1.32 13.23 -32.13
CA ASN A 1222 -1.11 12.37 -33.30
C ASN A 1222 0.00 11.36 -33.02
N GLU A 1223 0.16 10.44 -33.96
CA GLU A 1223 1.11 9.35 -33.81
C GLU A 1223 1.98 9.28 -35.06
N LEU A 1224 3.30 9.21 -34.87
CA LEU A 1224 4.24 9.06 -35.99
C LEU A 1224 4.24 7.59 -36.42
N ALA A 1225 3.59 7.31 -37.55
CA ALA A 1225 3.54 5.96 -38.10
C ALA A 1225 4.77 5.70 -38.97
N LEU A 1226 5.90 5.53 -38.30
CA LEU A 1226 7.16 5.28 -38.99
C LEU A 1226 7.17 3.88 -39.61
N PRO A 1227 7.60 3.73 -40.86
CA PRO A 1227 7.56 2.43 -41.53
C PRO A 1227 8.48 1.39 -40.89
N SER A 1228 8.20 0.12 -41.22
CA SER A 1228 8.81 -1.02 -40.53
C SER A 1228 10.30 -1.15 -40.80
N LYS A 1229 10.75 -0.79 -42.01
CA LYS A 1229 12.17 -0.84 -42.33
C LYS A 1229 12.99 0.03 -41.38
N TYR A 1230 12.46 1.22 -41.04
CA TYR A 1230 13.21 2.14 -40.21
C TYR A 1230 13.26 1.69 -38.75
N VAL A 1231 12.16 1.13 -38.24
CA VAL A 1231 12.23 0.66 -36.85
C VAL A 1231 13.11 -0.58 -36.75
N ASN A 1232 13.12 -1.43 -37.80
CA ASN A 1232 14.05 -2.56 -37.83
C ASN A 1232 15.49 -2.08 -37.83
N PHE A 1233 15.78 -1.07 -38.66
CA PHE A 1233 17.11 -0.49 -38.73
C PHE A 1233 17.51 0.14 -37.40
N LEU A 1234 16.58 0.85 -36.76
CA LEU A 1234 16.90 1.56 -35.52
C LEU A 1234 17.14 0.59 -34.38
N TYR A 1235 16.38 -0.52 -34.33
CA TYR A 1235 16.67 -1.54 -33.34
C TYR A 1235 18.04 -2.16 -33.61
N LEU A 1236 18.33 -2.48 -34.87
CA LEU A 1236 19.62 -3.10 -35.20
C LEU A 1236 20.80 -2.15 -34.97
N ALA A 1237 20.55 -0.84 -34.97
CA ALA A 1237 21.61 0.15 -34.76
C ALA A 1237 21.82 0.48 -33.29
N SER A 1238 20.75 0.84 -32.58
CA SER A 1238 20.86 1.26 -31.19
C SER A 1238 21.32 0.14 -30.26
N HIS A 1239 21.18 -1.11 -30.68
CA HIS A 1239 21.76 -2.26 -29.99
C HIS A 1239 22.86 -2.78 -30.92
N TYR A 1240 24.07 -2.22 -30.75
CA TYR A 1240 25.14 -2.34 -31.72
C TYR A 1240 26.08 -3.52 -31.43
N GLU A 1241 26.54 -3.65 -30.20
CA GLU A 1241 27.40 -4.76 -29.81
C GLU A 1241 26.83 -5.52 -28.62
N LYS A 1242 25.51 -5.48 -28.44
CA LYS A 1242 24.84 -6.28 -27.42
C LYS A 1242 23.80 -7.17 -28.10
N LEU A 1243 24.25 -8.31 -28.60
CA LEU A 1243 23.36 -9.28 -29.20
C LEU A 1243 23.57 -10.69 -28.67
N LYS A 1244 24.83 -11.11 -28.50
CA LYS A 1244 25.22 -12.40 -27.93
C LYS A 1244 24.54 -13.58 -28.61
N GLY A 1245 24.52 -13.54 -29.94
CA GLY A 1245 23.96 -14.63 -30.72
C GLY A 1245 25.00 -15.38 -31.54
N SER A 1246 24.55 -15.98 -32.64
CA SER A 1246 25.47 -16.57 -33.60
C SER A 1246 26.33 -15.48 -34.24
N PRO A 1247 27.66 -15.69 -34.36
CA PRO A 1247 28.56 -14.61 -34.79
C PRO A 1247 28.28 -14.04 -36.17
N GLU A 1248 28.26 -14.91 -37.20
CA GLU A 1248 28.16 -14.44 -38.59
C GLU A 1248 26.87 -13.65 -38.83
N ASP A 1249 25.80 -13.97 -38.10
CA ASP A 1249 24.57 -13.20 -38.21
C ASP A 1249 24.75 -11.78 -37.68
N ASN A 1250 25.39 -11.62 -36.52
CA ASN A 1250 25.54 -10.26 -36.03
C ASN A 1250 26.59 -9.48 -36.81
N GLU A 1251 27.56 -10.15 -37.42
CA GLU A 1251 28.46 -9.41 -38.32
C GLU A 1251 27.78 -9.01 -39.63
N GLN A 1252 26.87 -9.82 -40.17
CA GLN A 1252 26.17 -9.34 -41.36
C GLN A 1252 25.16 -8.25 -41.00
N LYS A 1253 24.62 -8.28 -39.78
CA LYS A 1253 23.82 -7.16 -39.29
C LYS A 1253 24.67 -5.89 -39.17
N GLN A 1254 25.87 -6.00 -38.62
CA GLN A 1254 26.85 -4.91 -38.61
C GLN A 1254 27.08 -4.37 -40.03
N LEU A 1255 27.29 -5.26 -40.99
CA LEU A 1255 27.52 -4.81 -42.36
C LEU A 1255 26.27 -4.16 -42.96
N PHE A 1256 25.08 -4.60 -42.54
CA PHE A 1256 23.84 -4.01 -43.01
C PHE A 1256 23.65 -2.60 -42.48
N VAL A 1257 23.87 -2.39 -41.18
CA VAL A 1257 23.79 -1.04 -40.63
C VAL A 1257 24.92 -0.17 -41.20
N GLU A 1258 26.06 -0.79 -41.54
CA GLU A 1258 27.14 -0.06 -42.20
C GLU A 1258 26.76 0.40 -43.61
N GLN A 1259 26.01 -0.40 -44.36
CA GLN A 1259 25.67 0.09 -45.70
C GLN A 1259 24.56 1.13 -45.70
N HIS A 1260 23.76 1.22 -44.63
CA HIS A 1260 22.60 2.10 -44.65
C HIS A 1260 22.62 3.34 -43.76
N LYS A 1261 23.69 4.15 -43.78
CA LYS A 1261 23.64 5.38 -42.98
C LYS A 1261 22.63 6.41 -43.47
N HIS A 1262 22.23 6.37 -44.75
CA HIS A 1262 21.31 7.39 -45.25
C HIS A 1262 19.94 7.32 -44.60
N TYR A 1263 19.59 6.16 -44.02
CA TYR A 1263 18.34 6.04 -43.28
C TYR A 1263 18.23 7.06 -42.17
N LEU A 1264 19.36 7.42 -41.54
CA LEU A 1264 19.36 8.47 -40.52
C LEU A 1264 18.84 9.77 -41.08
N ASP A 1265 19.38 10.20 -42.22
CA ASP A 1265 18.95 11.48 -42.77
C ASP A 1265 17.49 11.48 -43.16
N GLU A 1266 17.00 10.38 -43.76
CA GLU A 1266 15.56 10.36 -44.04
C GLU A 1266 14.72 10.27 -42.79
N ILE A 1267 15.27 9.72 -41.71
CA ILE A 1267 14.52 9.75 -40.46
C ILE A 1267 14.34 11.18 -39.99
N ILE A 1268 15.40 11.99 -40.07
CA ILE A 1268 15.25 13.39 -39.68
C ILE A 1268 14.28 14.15 -40.56
N GLU A 1269 14.21 13.84 -41.89
CA GLU A 1269 13.18 14.54 -42.68
C GLU A 1269 11.79 14.17 -42.20
N GLN A 1270 11.60 12.89 -41.86
CA GLN A 1270 10.31 12.47 -41.34
C GLN A 1270 9.99 13.22 -40.06
N ILE A 1271 10.98 13.36 -39.16
CA ILE A 1271 10.74 14.07 -37.92
C ILE A 1271 10.44 15.52 -38.21
N SER A 1272 11.15 16.13 -39.14
CA SER A 1272 10.86 17.51 -39.47
C SER A 1272 9.48 17.67 -40.07
N GLU A 1273 9.10 16.76 -40.98
CA GLU A 1273 7.80 16.87 -41.64
C GLU A 1273 6.66 16.71 -40.65
N PHE A 1274 6.72 15.65 -39.83
CA PHE A 1274 5.66 15.41 -38.86
C PHE A 1274 5.62 16.57 -37.87
N SER A 1275 6.79 17.10 -37.49
CA SER A 1275 6.77 18.16 -36.50
C SER A 1275 6.38 19.48 -37.14
N LYS A 1276 6.61 19.64 -38.43
CA LYS A 1276 6.08 20.81 -39.09
C LYS A 1276 4.60 20.67 -39.38
N ARG A 1277 4.07 19.45 -39.46
CA ARG A 1277 2.64 19.31 -39.70
C ARG A 1277 1.79 19.33 -38.44
N VAL A 1278 2.26 18.70 -37.35
CA VAL A 1278 1.38 18.44 -36.22
C VAL A 1278 1.92 19.04 -34.92
N ILE A 1279 3.24 19.10 -34.77
CA ILE A 1279 3.78 19.49 -33.47
C ILE A 1279 3.87 21.01 -33.34
N LEU A 1280 4.22 21.69 -34.44
CA LEU A 1280 4.23 23.16 -34.51
C LEU A 1280 5.15 23.77 -33.45
N ALA A 1281 6.33 23.17 -33.28
CA ALA A 1281 7.36 23.66 -32.36
C ALA A 1281 8.57 24.03 -33.20
N ASP A 1282 8.63 25.29 -33.62
CA ASP A 1282 9.67 25.72 -34.56
C ASP A 1282 11.05 25.73 -33.91
N ALA A 1283 11.17 26.39 -32.75
CA ALA A 1283 12.47 26.59 -32.11
C ALA A 1283 13.12 25.27 -31.72
N ASN A 1284 12.32 24.36 -31.15
CA ASN A 1284 12.77 23.01 -30.87
C ASN A 1284 13.27 22.33 -32.14
N LEU A 1285 12.59 22.58 -33.26
CA LEU A 1285 12.91 21.88 -34.50
C LEU A 1285 14.23 22.36 -35.09
N ASP A 1286 14.48 23.67 -35.13
CA ASP A 1286 15.75 24.04 -35.75
C ASP A 1286 16.91 23.92 -34.77
N LYS A 1287 16.68 23.95 -33.45
CA LYS A 1287 17.75 23.53 -32.54
C LYS A 1287 18.13 22.07 -32.75
N VAL A 1288 17.13 21.19 -32.95
CA VAL A 1288 17.39 19.79 -33.22
C VAL A 1288 18.15 19.64 -34.54
N LEU A 1289 17.71 20.35 -35.58
CA LEU A 1289 18.35 20.27 -36.88
C LEU A 1289 19.78 20.80 -36.84
N SER A 1290 20.01 21.90 -36.12
CA SER A 1290 21.35 22.46 -36.05
C SER A 1290 22.31 21.55 -35.27
N ALA A 1291 21.84 20.95 -34.17
CA ALA A 1291 22.68 20.00 -33.45
C ALA A 1291 22.95 18.73 -34.26
N TYR A 1292 21.98 18.32 -35.09
CA TYR A 1292 22.21 17.21 -35.99
C TYR A 1292 23.25 17.57 -37.04
N ASN A 1293 23.09 18.72 -37.70
CA ASN A 1293 23.99 19.10 -38.77
C ASN A 1293 25.40 19.33 -38.26
N LYS A 1294 25.55 19.89 -37.07
CA LYS A 1294 26.86 20.03 -36.47
C LYS A 1294 27.38 18.74 -35.85
N HIS A 1295 26.60 17.64 -35.86
CA HIS A 1295 27.11 16.37 -35.34
C HIS A 1295 26.97 15.19 -36.31
N ARG A 1296 26.95 15.43 -37.63
CA ARG A 1296 26.74 14.31 -38.56
C ARG A 1296 27.90 13.33 -38.66
N ASP A 1297 29.06 13.63 -38.07
CA ASP A 1297 30.24 12.77 -38.22
C ASP A 1297 30.44 11.79 -37.07
N LYS A 1298 29.61 11.84 -36.03
CA LYS A 1298 29.75 10.92 -34.90
C LYS A 1298 29.35 9.50 -35.30
N PRO A 1299 29.79 8.48 -34.53
CA PRO A 1299 29.49 7.10 -34.90
C PRO A 1299 28.02 6.75 -34.78
N ILE A 1300 27.67 5.62 -35.40
CA ILE A 1300 26.28 5.24 -35.65
C ILE A 1300 25.54 4.92 -34.35
N ARG A 1301 26.21 4.24 -33.40
CA ARG A 1301 25.57 3.86 -32.14
C ARG A 1301 25.03 5.07 -31.37
N GLU A 1302 25.89 6.06 -31.15
CA GLU A 1302 25.49 7.23 -30.37
C GLU A 1302 24.43 8.05 -31.10
N GLN A 1303 24.59 8.21 -32.41
CA GLN A 1303 23.61 8.92 -33.22
C GLN A 1303 22.25 8.25 -33.16
N ALA A 1304 22.20 6.94 -33.38
CA ALA A 1304 20.93 6.22 -33.37
C ALA A 1304 20.28 6.23 -32.00
N GLU A 1305 21.08 6.05 -30.94
CA GLU A 1305 20.52 6.09 -29.59
C GLU A 1305 19.93 7.47 -29.27
N ASN A 1306 20.64 8.53 -29.64
CA ASN A 1306 20.13 9.87 -29.42
C ASN A 1306 18.91 10.19 -30.28
N ILE A 1307 18.81 9.68 -31.52
CA ILE A 1307 17.54 9.85 -32.21
C ILE A 1307 16.42 9.06 -31.53
N ILE A 1308 16.73 7.91 -30.92
CA ILE A 1308 15.70 7.18 -30.18
C ILE A 1308 15.18 8.01 -29.00
N HIS A 1309 16.07 8.71 -28.29
CA HIS A 1309 15.55 9.73 -27.37
C HIS A 1309 14.85 10.87 -28.11
N LEU A 1310 15.25 11.18 -29.35
CA LEU A 1310 14.67 12.32 -30.06
C LEU A 1310 13.22 12.09 -30.45
N PHE A 1311 12.77 10.82 -30.53
CA PHE A 1311 11.34 10.64 -30.85
C PHE A 1311 10.40 11.08 -29.72
N THR A 1312 10.92 11.50 -28.56
CA THR A 1312 10.07 12.11 -27.54
C THR A 1312 9.43 13.41 -28.03
N LEU A 1313 10.06 14.07 -29.00
CA LEU A 1313 9.47 15.27 -29.61
C LEU A 1313 8.12 14.94 -30.24
N THR A 1314 8.01 13.77 -30.87
CA THR A 1314 6.82 13.37 -31.61
C THR A 1314 5.99 12.37 -30.84
N ARG A 1315 6.34 12.12 -29.58
CA ARG A 1315 5.65 11.13 -28.74
C ARG A 1315 4.21 11.52 -28.51
N LEU A 1316 3.31 10.54 -28.49
CA LEU A 1316 1.96 10.79 -28.04
C LEU A 1316 1.99 11.14 -26.56
N GLY A 1317 1.18 12.11 -26.17
CA GLY A 1317 1.11 12.49 -24.77
C GLY A 1317 1.68 13.86 -24.47
N ALA A 1318 2.21 14.03 -23.26
CA ALA A 1318 2.67 15.34 -22.83
C ALA A 1318 4.04 15.67 -23.42
N PRO A 1319 4.31 16.95 -23.68
CA PRO A 1319 5.67 17.35 -24.05
C PRO A 1319 6.62 17.17 -22.89
N ARG A 1320 7.81 16.64 -23.19
CA ARG A 1320 8.80 16.34 -22.16
C ARG A 1320 10.18 16.72 -22.70
N ALA A 1321 11.04 17.17 -21.79
CA ALA A 1321 12.40 17.51 -22.16
C ALA A 1321 13.19 16.26 -22.50
N PHE A 1322 14.18 16.43 -23.37
CA PHE A 1322 15.03 15.31 -23.79
C PHE A 1322 16.41 15.83 -24.15
N LYS A 1323 17.40 14.95 -24.06
CA LYS A 1323 18.78 15.30 -24.26
C LYS A 1323 19.32 14.71 -25.56
N TYR A 1324 20.07 15.53 -26.29
CA TYR A 1324 20.85 15.13 -27.44
C TYR A 1324 22.29 14.90 -26.96
N PHE A 1325 23.25 14.87 -27.90
CA PHE A 1325 24.67 14.71 -27.57
C PHE A 1325 25.13 15.70 -26.51
N ASP A 1326 24.81 16.99 -26.70
CA ASP A 1326 25.38 18.03 -25.86
C ASP A 1326 24.38 19.00 -25.24
N THR A 1327 23.09 18.84 -25.49
CA THR A 1327 22.13 19.82 -24.98
C THR A 1327 20.82 19.14 -24.62
N THR A 1328 20.10 19.78 -23.69
CA THR A 1328 18.71 19.44 -23.38
C THR A 1328 17.82 20.52 -23.97
N ILE A 1329 16.84 20.10 -24.76
CA ILE A 1329 15.94 21.03 -25.45
C ILE A 1329 14.64 21.12 -24.65
N ASP A 1330 14.34 22.32 -24.16
CA ASP A 1330 13.14 22.54 -23.36
C ASP A 1330 11.88 22.29 -24.18
N PRO A 1331 10.89 21.60 -23.64
CA PRO A 1331 9.70 21.23 -24.42
C PRO A 1331 8.76 22.41 -24.62
N LYS A 1332 8.21 22.49 -25.84
CA LYS A 1332 7.17 23.46 -26.17
C LYS A 1332 5.86 23.03 -25.53
N GLN A 1333 5.44 23.73 -24.48
CA GLN A 1333 4.16 23.49 -23.85
C GLN A 1333 3.04 24.25 -24.56
N TYR A 1334 1.94 23.56 -24.84
CA TYR A 1334 0.75 24.16 -25.43
C TYR A 1334 -0.15 24.66 -24.30
N ARG A 1335 -0.04 25.95 -24.00
CA ARG A 1335 -0.54 26.52 -22.75
C ARG A 1335 -1.89 27.22 -22.91
N SER A 1336 -2.61 26.98 -23.99
CA SER A 1336 -3.93 27.58 -24.14
C SER A 1336 -4.86 26.66 -24.94
N THR A 1337 -6.16 26.78 -24.66
CA THR A 1337 -7.20 26.01 -25.33
C THR A 1337 -8.14 26.89 -26.15
N LYS A 1338 -7.70 28.10 -26.50
CA LYS A 1338 -8.46 28.93 -27.44
C LYS A 1338 -8.53 28.30 -28.83
N GLU A 1339 -7.59 27.42 -29.16
CA GLU A 1339 -7.48 26.88 -30.50
C GLU A 1339 -8.55 25.82 -30.79
N VAL A 1340 -9.01 25.11 -29.75
CA VAL A 1340 -9.90 23.97 -29.96
C VAL A 1340 -11.38 24.36 -29.98
N LEU A 1341 -11.71 25.62 -29.70
CA LEU A 1341 -13.12 26.03 -29.68
C LEU A 1341 -13.74 26.10 -31.06
N ASP A 1342 -12.96 25.96 -32.12
CA ASP A 1342 -13.46 25.94 -33.49
C ASP A 1342 -12.98 24.69 -34.22
N ALA A 1343 -12.86 23.59 -33.50
CA ALA A 1343 -12.32 22.34 -34.01
C ALA A 1343 -13.41 21.28 -34.08
N THR A 1344 -13.03 20.08 -34.52
CA THR A 1344 -13.94 18.95 -34.59
C THR A 1344 -13.70 18.06 -33.38
N LEU A 1345 -14.61 18.11 -32.42
CA LEU A 1345 -14.50 17.27 -31.24
C LEU A 1345 -14.91 15.85 -31.60
N ILE A 1346 -14.07 14.88 -31.24
CA ILE A 1346 -14.29 13.49 -31.62
C ILE A 1346 -14.71 12.71 -30.38
N HIS A 1347 -15.81 11.97 -30.48
CA HIS A 1347 -16.29 11.13 -29.38
C HIS A 1347 -16.02 9.69 -29.79
N GLN A 1348 -14.88 9.15 -29.36
CA GLN A 1348 -14.47 7.81 -29.74
C GLN A 1348 -15.01 6.78 -28.76
N SER A 1349 -15.44 5.64 -29.29
CA SER A 1349 -15.83 4.53 -28.44
C SER A 1349 -14.60 3.87 -27.82
N ILE A 1350 -14.85 2.81 -27.03
CA ILE A 1350 -13.79 2.19 -26.24
C ILE A 1350 -12.73 1.57 -27.13
N THR A 1351 -13.15 0.91 -28.22
CA THR A 1351 -12.20 0.47 -29.24
C THR A 1351 -11.84 1.60 -30.19
N GLY A 1352 -12.65 2.66 -30.24
CA GLY A 1352 -12.40 3.77 -31.14
C GLY A 1352 -12.95 3.60 -32.54
N LEU A 1353 -13.62 2.49 -32.84
CA LEU A 1353 -14.14 2.31 -34.18
C LEU A 1353 -15.41 3.13 -34.40
N TYR A 1354 -16.27 3.24 -33.39
CA TYR A 1354 -17.46 4.07 -33.47
C TYR A 1354 -17.15 5.46 -32.95
N GLU A 1355 -17.28 6.46 -33.81
CA GLU A 1355 -17.02 7.83 -33.43
C GLU A 1355 -18.29 8.66 -33.52
N THR A 1356 -18.21 9.86 -32.96
CA THR A 1356 -19.29 10.84 -33.07
C THR A 1356 -18.63 12.23 -33.10
N ARG A 1357 -18.42 12.73 -34.32
CA ARG A 1357 -17.76 14.00 -34.51
C ARG A 1357 -18.75 15.14 -34.37
N ILE A 1358 -18.43 16.13 -33.53
CA ILE A 1358 -19.21 17.33 -33.35
C ILE A 1358 -18.37 18.49 -33.86
N ASP A 1359 -18.88 19.22 -34.86
CA ASP A 1359 -18.19 20.41 -35.33
C ASP A 1359 -18.57 21.56 -34.41
N LEU A 1360 -17.64 21.98 -33.56
CA LEU A 1360 -17.95 22.98 -32.54
C LEU A 1360 -18.12 24.37 -33.12
N SER A 1361 -17.66 24.60 -34.35
CA SER A 1361 -17.75 25.92 -34.96
C SER A 1361 -19.18 26.30 -35.34
N GLN A 1362 -20.11 25.34 -35.33
CA GLN A 1362 -21.50 25.59 -35.67
C GLN A 1362 -22.36 25.81 -34.43
N LEU A 1363 -21.75 26.08 -33.29
CA LEU A 1363 -22.46 26.28 -32.03
C LEU A 1363 -22.25 27.71 -31.56
N GLY A 1364 -23.35 28.42 -31.31
CA GLY A 1364 -23.31 29.75 -30.75
C GLY A 1364 -22.57 30.79 -31.56
#